data_4AL9
#
_entry.id   4AL9
#
_cell.length_a   50.070
_cell.length_b   58.130
_cell.length_c   75.940
_cell.angle_alpha   101.13
_cell.angle_beta   92.89
_cell.angle_gamma   100.98
#
_symmetry.space_group_name_H-M   'P 1'
#
loop_
_entity.id
_entity.type
_entity.pdbx_description
1 polymer 'PA-I GALACTOPHILIC LECTIN'
2 branched alpha-D-galactopyranose-(1-6)-alpha-D-glucopyranose
3 non-polymer 'CALCIUM ION'
4 non-polymer alpha-D-galactopyranose
5 non-polymer 1,2-ETHANEDIOL
6 water water
#
_entity_poly.entity_id   1
_entity_poly.type   'polypeptide(L)'
_entity_poly.pdbx_seq_one_letter_code
;AWKGEVLANNEAGQVTSIIYNPGDVITIVAAGWASYGPTQKWGPQGDREHPDQGLICHDAFCGALVMKIGNSGTIPVNTG
LFRWVAPNNVQGAITLIYNDVPGTYGNNSGSFSVNIGKDQS
;
_entity_poly.pdbx_strand_id   A,B,C,D,E,F,G,H
#
# COMPACT_ATOMS: atom_id res chain seq x y z
N ALA A 1 2.86 8.59 -5.77
CA ALA A 1 3.03 9.87 -6.51
C ALA A 1 2.22 10.98 -5.85
N TRP A 2 2.50 12.20 -6.25
CA TRP A 2 1.83 13.36 -5.69
C TRP A 2 1.39 14.20 -6.85
N LYS A 3 0.18 14.73 -6.75
N LYS A 3 0.19 14.74 -6.74
CA LYS A 3 -0.37 15.60 -7.75
CA LYS A 3 -0.36 15.61 -7.75
C LYS A 3 -0.92 16.78 -6.98
C LYS A 3 -0.90 16.78 -6.97
N GLY A 4 -0.43 17.98 -7.27
CA GLY A 4 -0.90 19.14 -6.58
C GLY A 4 -0.57 20.41 -7.28
N GLU A 5 -0.64 21.51 -6.53
CA GLU A 5 -0.55 22.85 -7.06
C GLU A 5 0.45 23.66 -6.30
N VAL A 6 1.00 24.64 -6.98
CA VAL A 6 1.96 25.55 -6.40
C VAL A 6 1.45 26.95 -6.69
N LEU A 7 1.14 27.72 -5.64
CA LEU A 7 0.70 29.10 -5.89
C LEU A 7 1.84 30.10 -5.90
N ALA A 8 1.74 31.03 -6.85
CA ALA A 8 2.82 31.98 -7.09
C ALA A 8 3.09 32.88 -5.88
N ASN A 9 2.06 33.16 -5.08
CA ASN A 9 2.23 34.07 -3.95
C ASN A 9 2.52 33.38 -2.62
N ASN A 10 2.76 32.06 -2.66
CA ASN A 10 3.13 31.28 -1.48
C ASN A 10 4.64 31.29 -1.29
N GLU A 11 5.13 32.22 -0.49
CA GLU A 11 6.55 32.33 -0.23
C GLU A 11 7.17 31.09 0.43
N ALA A 12 6.45 30.44 1.34
CA ALA A 12 6.99 29.29 2.09
C ALA A 12 7.18 28.11 1.14
N GLY A 13 6.28 28.00 0.18
CA GLY A 13 6.22 26.83 -0.69
C GLY A 13 5.20 25.81 -0.21
N GLN A 14 5.01 24.78 -1.04
CA GLN A 14 4.06 23.71 -0.74
C GLN A 14 4.82 22.42 -0.48
N VAL A 15 4.68 21.92 0.74
CA VAL A 15 5.28 20.67 1.14
C VAL A 15 4.45 19.56 0.49
N THR A 16 5.12 18.57 -0.08
CA THR A 16 4.43 17.49 -0.78
C THR A 16 4.48 16.26 0.15
N SER A 17 3.83 15.20 -0.28
CA SER A 17 3.85 13.92 0.43
C SER A 17 5.06 13.08 0.02
N ILE A 18 5.89 13.61 -0.86
CA ILE A 18 7.04 12.86 -1.35
C ILE A 18 8.22 13.10 -0.46
N ILE A 19 8.75 12.04 0.15
CA ILE A 19 10.00 12.13 0.89
C ILE A 19 11.07 11.55 -0.03
N TYR A 20 12.02 12.37 -0.45
CA TYR A 20 13.15 11.92 -1.24
C TYR A 20 14.11 11.16 -0.32
N ASN A 21 14.32 9.87 -0.61
CA ASN A 21 15.25 9.01 0.13
C ASN A 21 16.46 8.62 -0.68
N PRO A 22 17.54 8.30 0.00
CA PRO A 22 18.74 7.90 -0.66
C PRO A 22 18.48 6.84 -1.70
N GLY A 23 18.98 7.09 -2.91
CA GLY A 23 18.84 6.17 -4.03
C GLY A 23 17.61 6.36 -4.89
N ASP A 24 16.67 7.18 -4.42
CA ASP A 24 15.44 7.44 -5.19
C ASP A 24 15.75 8.15 -6.50
N VAL A 25 14.94 7.82 -7.49
CA VAL A 25 14.96 8.45 -8.81
C VAL A 25 13.55 9.03 -8.96
N ILE A 26 13.43 10.30 -9.32
CA ILE A 26 12.09 10.92 -9.41
C ILE A 26 11.86 11.53 -10.78
N THR A 27 10.59 11.68 -11.15
CA THR A 27 10.21 12.44 -12.33
C THR A 27 9.18 13.50 -11.87
N ILE A 28 9.37 14.71 -12.35
CA ILE A 28 8.48 15.87 -12.08
C ILE A 28 8.06 16.43 -13.44
N VAL A 29 6.77 16.72 -13.61
CA VAL A 29 6.28 17.49 -14.72
C VAL A 29 5.41 18.61 -14.15
N ALA A 30 5.67 19.84 -14.60
CA ALA A 30 4.99 21.05 -14.10
C ALA A 30 4.37 21.77 -15.29
N ALA A 31 3.17 22.31 -15.10
CA ALA A 31 2.47 23.10 -16.15
C ALA A 31 1.75 24.27 -15.51
N GLY A 32 1.43 25.26 -16.33
CA GLY A 32 0.52 26.32 -15.92
C GLY A 32 1.10 27.69 -16.11
N TRP A 33 0.38 28.67 -15.61
CA TRP A 33 0.75 30.09 -15.86
C TRP A 33 0.67 30.88 -14.58
N ALA A 34 1.71 31.68 -14.34
CA ALA A 34 1.83 32.45 -13.15
C ALA A 34 2.61 33.74 -13.44
N SER A 35 2.54 34.64 -12.45
CA SER A 35 3.23 35.91 -12.53
C SER A 35 3.85 36.35 -11.19
N TYR A 36 4.99 37.02 -11.31
CA TYR A 36 5.75 37.56 -10.19
C TYR A 36 5.38 39.06 -9.92
N GLY A 37 4.42 39.54 -10.68
CA GLY A 37 3.85 40.90 -10.53
C GLY A 37 3.26 41.48 -11.81
N PRO A 38 3.94 41.36 -12.94
CA PRO A 38 3.30 41.92 -14.12
C PRO A 38 1.98 41.28 -14.59
N THR A 39 1.35 41.98 -15.53
CA THR A 39 0.11 41.55 -16.18
C THR A 39 0.27 40.22 -16.92
N GLN A 40 1.35 40.15 -17.68
CA GLN A 40 1.74 38.93 -18.39
CA GLN A 40 1.80 38.96 -18.38
C GLN A 40 1.88 37.77 -17.41
N LYS A 41 1.70 36.55 -17.93
CA LYS A 41 1.99 35.37 -17.17
C LYS A 41 3.03 34.53 -17.95
N TRP A 42 3.75 33.72 -17.20
CA TRP A 42 4.80 32.87 -17.68
C TRP A 42 4.60 31.46 -17.22
N GLY A 43 5.22 30.54 -17.95
CA GLY A 43 5.21 29.13 -17.61
C GLY A 43 6.26 28.81 -16.53
N PRO A 44 6.42 27.52 -16.21
CA PRO A 44 7.30 27.11 -15.09
C PRO A 44 8.80 27.39 -15.35
N GLN A 45 9.18 27.82 -16.55
CA GLN A 45 10.55 28.29 -16.77
C GLN A 45 10.77 29.75 -16.35
N GLY A 46 9.69 30.43 -15.99
CA GLY A 46 9.80 31.85 -15.69
C GLY A 46 10.04 32.77 -16.85
N ASP A 47 10.56 33.97 -16.51
CA ASP A 47 10.71 35.05 -17.48
C ASP A 47 12.17 35.18 -17.80
N ARG A 48 12.57 34.80 -19.02
CA ARG A 48 14.00 34.80 -19.37
C ARG A 48 14.57 36.21 -19.56
N GLU A 49 13.69 37.21 -19.65
CA GLU A 49 14.11 38.61 -19.86
C GLU A 49 14.16 39.47 -18.61
N HIS A 50 13.82 38.93 -17.44
CA HIS A 50 13.80 39.73 -16.20
C HIS A 50 15.06 39.49 -15.40
N PRO A 51 15.77 40.56 -15.00
CA PRO A 51 17.03 40.41 -14.24
C PRO A 51 16.87 39.74 -12.84
N ASP A 52 17.92 39.07 -12.34
CA ASP A 52 17.87 38.47 -10.99
C ASP A 52 18.15 39.52 -9.95
N GLN A 53 17.13 39.94 -9.21
CA GLN A 53 17.27 40.97 -8.17
C GLN A 53 17.30 40.38 -6.74
N GLY A 54 17.82 39.16 -6.59
CA GLY A 54 17.90 38.50 -5.28
C GLY A 54 16.84 37.41 -5.12
N LEU A 55 16.70 36.59 -6.15
CA LEU A 55 15.73 35.50 -6.20
C LEU A 55 16.17 34.42 -5.23
N ILE A 56 15.20 33.68 -4.71
CA ILE A 56 15.45 32.58 -3.77
C ILE A 56 16.23 31.46 -4.49
N CYS A 57 16.18 31.45 -5.82
CA CYS A 57 17.03 30.53 -6.59
C CYS A 57 17.70 31.26 -7.75
N HIS A 58 19.03 31.27 -7.70
CA HIS A 58 19.85 32.00 -8.63
C HIS A 58 20.12 31.21 -9.87
N ASP A 59 19.86 29.90 -9.80
CA ASP A 59 20.00 29.05 -10.97
C ASP A 59 18.74 28.99 -11.84
N ALA A 60 17.72 29.81 -11.53
CA ALA A 60 16.50 29.83 -12.32
C ALA A 60 15.99 31.25 -12.48
N PHE A 61 15.23 31.48 -13.54
CA PHE A 61 14.68 32.80 -13.77
C PHE A 61 13.62 33.14 -12.77
N CYS A 62 13.35 34.41 -12.64
CA CYS A 62 12.17 34.86 -11.90
C CYS A 62 10.89 34.28 -12.52
N GLY A 63 10.06 33.68 -11.66
CA GLY A 63 8.82 33.02 -12.07
C GLY A 63 8.96 31.55 -12.43
N ALA A 64 10.16 31.00 -12.27
CA ALA A 64 10.40 29.58 -12.45
C ALA A 64 9.91 28.74 -11.27
N LEU A 65 9.63 27.47 -11.52
CA LEU A 65 9.40 26.52 -10.45
C LEU A 65 10.74 25.97 -9.94
N VAL A 66 10.91 25.99 -8.62
CA VAL A 66 12.05 25.42 -7.93
C VAL A 66 11.56 24.54 -6.74
N MET A 67 12.48 23.87 -6.08
CA MET A 67 12.14 23.05 -4.91
C MET A 67 13.28 23.00 -3.93
N LYS A 68 12.99 22.48 -2.74
CA LYS A 68 14.03 22.09 -1.79
C LYS A 68 13.75 20.66 -1.39
N ILE A 69 14.81 19.90 -1.20
CA ILE A 69 14.67 18.55 -0.66
C ILE A 69 15.24 18.60 0.75
N GLY A 70 14.38 18.46 1.73
CA GLY A 70 14.80 18.61 3.14
C GLY A 70 15.40 20.00 3.29
N ASN A 71 16.58 20.07 3.86
CA ASN A 71 17.18 21.38 4.14
C ASN A 71 18.20 21.72 3.09
N SER A 72 18.03 21.16 1.88
CA SER A 72 18.89 21.47 0.78
C SER A 72 18.74 22.94 0.37
N GLY A 73 19.67 23.38 -0.44
CA GLY A 73 19.51 24.64 -1.16
C GLY A 73 18.39 24.53 -2.18
N THR A 74 18.00 25.65 -2.80
CA THR A 74 17.02 25.62 -3.86
C THR A 74 17.60 24.88 -5.06
N ILE A 75 16.75 24.05 -5.65
CA ILE A 75 17.09 23.22 -6.80
C ILE A 75 16.11 23.63 -7.91
N PRO A 76 16.63 24.00 -9.09
CA PRO A 76 15.70 24.39 -10.14
C PRO A 76 14.87 23.21 -10.59
N VAL A 77 13.59 23.42 -10.86
CA VAL A 77 12.73 22.36 -11.43
C VAL A 77 12.31 22.75 -12.84
N ASN A 78 11.93 24.00 -13.04
CA ASN A 78 11.42 24.45 -14.36
C ASN A 78 10.25 23.58 -14.83
N THR A 79 10.22 23.13 -16.09
CA THR A 79 9.13 22.29 -16.58
C THR A 79 9.12 20.88 -15.97
N GLY A 80 10.22 20.52 -15.33
CA GLY A 80 10.29 19.24 -14.68
C GLY A 80 11.65 18.56 -14.78
N LEU A 81 11.71 17.37 -14.23
CA LEU A 81 12.96 16.62 -14.09
C LEU A 81 12.67 15.19 -14.57
N PHE A 82 13.53 14.65 -15.42
CA PHE A 82 13.28 13.35 -15.99
C PHE A 82 14.20 12.28 -15.40
N ARG A 83 13.64 11.30 -14.68
CA ARG A 83 14.44 10.22 -14.11
C ARG A 83 15.72 10.74 -13.48
N TRP A 84 15.50 11.54 -12.44
CA TRP A 84 16.51 12.38 -11.88
C TRP A 84 16.91 11.92 -10.50
N VAL A 85 18.20 11.97 -10.25
CA VAL A 85 18.76 11.68 -8.92
C VAL A 85 19.32 12.96 -8.30
N ALA A 86 19.08 13.12 -7.00
CA ALA A 86 19.48 14.32 -6.32
C ALA A 86 20.98 14.26 -6.11
N PRO A 87 21.66 15.39 -6.31
CA PRO A 87 23.11 15.47 -6.07
C PRO A 87 23.47 15.54 -4.60
N ASN A 88 24.73 15.23 -4.31
CA ASN A 88 25.32 15.52 -3.01
C ASN A 88 24.55 14.85 -1.88
N ASN A 89 23.94 13.71 -2.17
CA ASN A 89 23.26 12.94 -1.14
C ASN A 89 22.20 13.72 -0.38
N VAL A 90 21.55 14.70 -0.98
CA VAL A 90 20.49 15.36 -0.22
C VAL A 90 19.29 14.43 -0.06
N GLN A 91 18.47 14.64 0.95
CA GLN A 91 17.32 13.80 1.20
C GLN A 91 16.33 14.55 2.11
N GLY A 92 15.08 14.05 2.16
CA GLY A 92 14.00 14.64 2.94
C GLY A 92 12.78 15.03 2.10
N ALA A 93 11.79 15.64 2.75
CA ALA A 93 10.55 16.02 2.07
C ALA A 93 10.79 17.05 0.97
N ILE A 94 10.10 16.88 -0.15
CA ILE A 94 10.21 17.83 -1.28
C ILE A 94 9.23 18.97 -1.06
N THR A 95 9.73 20.20 -1.05
CA THR A 95 8.86 21.38 -0.99
C THR A 95 8.99 22.14 -2.32
N LEU A 96 7.86 22.44 -2.93
CA LEU A 96 7.80 23.17 -4.21
C LEU A 96 7.55 24.65 -3.99
N ILE A 97 8.33 25.49 -4.68
CA ILE A 97 8.27 26.96 -4.47
C ILE A 97 8.37 27.72 -5.79
N TYR A 98 7.52 28.74 -5.90
CA TYR A 98 7.65 29.74 -6.97
C TYR A 98 8.87 30.63 -6.74
N ASN A 99 9.75 30.75 -7.75
CA ASN A 99 10.96 31.57 -7.68
C ASN A 99 10.69 33.09 -7.79
N ASP A 100 10.84 33.80 -6.68
CA ASP A 100 10.68 35.27 -6.65
C ASP A 100 11.61 35.81 -5.54
N VAL A 101 11.71 37.13 -5.43
CA VAL A 101 12.59 37.79 -4.45
C VAL A 101 11.97 37.71 -3.05
N PRO A 102 12.76 37.29 -2.02
CA PRO A 102 12.11 37.19 -0.71
C PRO A 102 11.42 38.51 -0.32
N GLY A 103 10.24 38.41 0.27
CA GLY A 103 9.41 39.56 0.56
C GLY A 103 8.64 40.21 -0.57
N THR A 104 8.77 39.74 -1.82
CA THR A 104 8.03 40.34 -2.95
C THR A 104 6.93 39.44 -3.51
N TYR A 105 6.56 38.43 -2.73
CA TYR A 105 5.55 37.46 -3.22
C TYR A 105 4.13 38.03 -3.17
N GLY A 106 3.91 39.06 -2.35
CA GLY A 106 2.56 39.58 -2.18
C GLY A 106 1.77 39.96 -3.42
N ASN A 107 2.45 40.40 -4.48
CA ASN A 107 1.75 40.79 -5.71
C ASN A 107 1.69 39.68 -6.77
N ASN A 108 2.03 38.44 -6.39
CA ASN A 108 2.07 37.34 -7.36
C ASN A 108 0.71 36.79 -7.61
N SER A 109 0.54 36.11 -8.74
CA SER A 109 -0.70 35.44 -9.05
C SER A 109 -0.49 34.24 -9.97
N GLY A 110 -1.56 33.45 -10.07
CA GLY A 110 -1.57 32.18 -10.81
C GLY A 110 -0.90 31.08 -10.02
N SER A 111 -0.74 29.97 -10.71
CA SER A 111 -0.24 28.74 -10.08
C SER A 111 0.35 27.80 -11.12
N PHE A 112 1.10 26.82 -10.64
CA PHE A 112 1.49 25.68 -11.46
C PHE A 112 0.88 24.40 -10.91
N SER A 113 0.53 23.51 -11.81
CA SER A 113 0.12 22.17 -11.42
C SER A 113 1.33 21.27 -11.59
N VAL A 114 1.55 20.40 -10.61
CA VAL A 114 2.81 19.63 -10.61
C VAL A 114 2.50 18.18 -10.33
N ASN A 115 3.19 17.27 -11.01
CA ASN A 115 3.09 15.84 -10.73
C ASN A 115 4.47 15.40 -10.37
N ILE A 116 4.58 14.65 -9.27
CA ILE A 116 5.83 14.03 -8.86
C ILE A 116 5.64 12.55 -8.71
N GLY A 117 6.57 11.75 -9.21
CA GLY A 117 6.53 10.34 -8.98
C GLY A 117 7.91 9.79 -8.76
N LYS A 118 8.00 8.66 -8.07
CA LYS A 118 9.25 7.92 -7.97
C LYS A 118 9.32 6.90 -9.13
N ASP A 119 10.50 6.82 -9.73
CA ASP A 119 10.83 5.87 -10.77
C ASP A 119 11.57 4.62 -10.28
N GLN A 120 11.74 3.67 -11.18
CA GLN A 120 12.40 2.43 -10.85
C GLN A 120 13.79 2.68 -10.37
N SER A 121 14.24 1.88 -9.44
CA SER A 121 15.62 2.00 -8.99
C SER A 121 16.10 0.69 -8.41
N ALA B 1 14.26 4.79 -23.72
CA ALA B 1 14.06 6.25 -23.52
C ALA B 1 14.72 6.98 -24.68
N TRP B 2 14.22 8.19 -24.95
CA TRP B 2 14.74 9.02 -26.04
C TRP B 2 14.96 10.44 -25.55
N LYS B 3 16.04 11.05 -26.02
CA LYS B 3 16.30 12.45 -25.76
C LYS B 3 16.74 13.15 -27.02
N GLY B 4 16.18 14.31 -27.32
CA GLY B 4 16.57 14.98 -28.55
C GLY B 4 16.04 16.37 -28.58
N GLU B 5 16.17 16.99 -29.75
CA GLU B 5 15.75 18.38 -29.90
C GLU B 5 14.72 18.50 -31.02
N VAL B 6 13.80 19.46 -30.88
CA VAL B 6 12.74 19.72 -31.82
C VAL B 6 12.95 21.18 -32.23
N LEU B 7 13.25 21.43 -33.51
CA LEU B 7 13.50 22.82 -33.93
C LEU B 7 12.20 23.51 -34.29
N ALA B 8 12.10 24.77 -33.91
CA ALA B 8 10.96 25.61 -34.18
C ALA B 8 10.76 25.81 -35.70
N ASN B 9 11.84 25.70 -36.47
CA ASN B 9 11.76 25.99 -37.86
C ASN B 9 11.45 24.78 -38.78
N ASN B 10 11.25 23.61 -38.17
CA ASN B 10 11.10 22.39 -38.95
C ASN B 10 9.66 22.02 -39.01
N GLU B 11 9.10 22.16 -40.21
CA GLU B 11 7.72 21.88 -40.47
C GLU B 11 7.47 20.36 -40.44
N ALA B 12 8.52 19.59 -40.63
CA ALA B 12 8.40 18.12 -40.60
C ALA B 12 8.47 17.59 -39.15
N GLY B 13 9.15 18.31 -38.27
CA GLY B 13 9.26 17.91 -36.87
C GLY B 13 10.35 16.87 -36.67
N GLN B 14 10.25 16.05 -35.63
CA GLN B 14 11.36 15.25 -35.22
C GLN B 14 10.88 13.85 -34.96
N VAL B 15 11.39 12.88 -35.71
N VAL B 15 11.40 12.89 -35.72
CA VAL B 15 11.11 11.49 -35.42
CA VAL B 15 11.11 11.48 -35.42
C VAL B 15 11.86 11.10 -34.14
C VAL B 15 11.86 11.11 -34.14
N THR B 16 11.26 10.25 -33.32
CA THR B 16 11.94 9.78 -32.15
C THR B 16 11.99 8.27 -32.29
N SER B 17 12.67 7.62 -31.33
CA SER B 17 12.85 6.16 -31.31
C SER B 17 11.73 5.49 -30.54
N ILE B 18 10.82 6.28 -30.03
CA ILE B 18 9.77 5.74 -29.23
C ILE B 18 8.62 5.35 -30.16
N ILE B 19 8.22 4.08 -30.12
CA ILE B 19 6.98 3.60 -30.71
C ILE B 19 5.89 3.36 -29.66
N TYR B 20 4.80 4.11 -29.75
CA TYR B 20 3.70 4.02 -28.83
C TYR B 20 2.80 2.84 -29.24
N ASN B 21 2.59 1.90 -28.34
CA ASN B 21 1.84 0.69 -28.61
C ASN B 21 0.66 0.68 -27.67
N PRO B 22 -0.38 -0.06 -28.03
CA PRO B 22 -1.54 -0.04 -27.15
C PRO B 22 -1.20 -0.48 -25.73
N GLY B 23 -1.76 0.23 -24.78
CA GLY B 23 -1.51 0.01 -23.38
C GLY B 23 -0.32 0.73 -22.81
N ASP B 24 0.63 1.17 -23.66
CA ASP B 24 1.81 1.89 -23.16
C ASP B 24 1.47 3.14 -22.31
N VAL B 25 2.27 3.35 -21.27
CA VAL B 25 2.22 4.53 -20.41
C VAL B 25 3.52 5.26 -20.65
N ILE B 26 3.43 6.54 -20.98
CA ILE B 26 4.64 7.29 -21.26
C ILE B 26 4.72 8.58 -20.45
N THR B 27 5.94 9.03 -20.31
CA THR B 27 6.24 10.32 -19.71
C THR B 27 7.11 11.13 -20.64
N ILE B 28 6.75 12.40 -20.81
CA ILE B 28 7.53 13.35 -21.58
C ILE B 28 7.85 14.58 -20.72
N VAL B 29 9.08 15.09 -20.77
CA VAL B 29 9.42 16.39 -20.16
C VAL B 29 10.12 17.21 -21.24
N ALA B 30 9.62 18.44 -21.49
CA ALA B 30 10.13 19.30 -22.54
C ALA B 30 10.57 20.64 -21.93
N ALA B 31 11.66 21.18 -22.45
CA ALA B 31 12.24 22.43 -22.00
C ALA B 31 12.84 23.26 -23.14
N GLY B 32 13.01 24.55 -22.93
CA GLY B 32 13.75 25.37 -23.88
C GLY B 32 12.96 26.58 -24.33
N TRP B 33 13.48 27.24 -25.35
CA TRP B 33 12.94 28.57 -25.78
C TRP B 33 12.91 28.65 -27.26
N ALA B 34 11.78 29.09 -27.80
CA ALA B 34 11.56 29.16 -29.23
C ALA B 34 10.63 30.30 -29.54
N SER B 35 10.61 30.66 -30.81
CA SER B 35 9.69 31.68 -31.32
C SER B 35 9.08 31.31 -32.68
N TYR B 36 7.81 31.66 -32.83
CA TYR B 36 7.06 31.54 -34.08
C TYR B 36 7.21 32.81 -34.98
N GLY B 37 8.00 33.78 -34.56
CA GLY B 37 8.31 34.97 -35.41
C GLY B 37 8.82 36.15 -34.60
N PRO B 38 8.17 36.43 -33.47
CA PRO B 38 8.62 37.59 -32.70
C PRO B 38 9.98 37.43 -32.09
N THR B 39 10.61 38.55 -31.77
N THR B 39 10.57 38.56 -31.77
CA THR B 39 11.92 38.55 -31.15
CA THR B 39 11.86 38.63 -31.10
C THR B 39 11.90 37.90 -29.76
C THR B 39 11.88 37.91 -29.78
N GLN B 40 10.77 37.99 -29.06
CA GLN B 40 10.56 37.30 -27.77
C GLN B 40 10.60 35.76 -27.98
N LYS B 41 10.95 34.99 -26.95
CA LYS B 41 10.82 33.51 -27.04
C LYS B 41 9.90 32.97 -25.96
N TRP B 42 9.27 31.82 -26.23
CA TRP B 42 8.34 31.20 -25.31
C TRP B 42 8.78 29.77 -25.08
N GLY B 43 8.42 29.25 -23.93
CA GLY B 43 8.64 27.84 -23.62
C GLY B 43 7.61 26.96 -24.32
N PRO B 44 7.62 25.67 -23.97
CA PRO B 44 6.86 24.67 -24.74
C PRO B 44 5.35 24.77 -24.60
N GLN B 45 4.87 25.64 -23.72
CA GLN B 45 3.42 25.96 -23.65
C GLN B 45 3.02 26.95 -24.73
N GLY B 46 4.00 27.63 -25.33
CA GLY B 46 3.74 28.61 -26.40
C GLY B 46 3.23 29.93 -25.82
N ASP B 47 2.54 30.71 -26.64
CA ASP B 47 2.17 32.08 -26.33
C ASP B 47 0.66 32.14 -26.11
N ARG B 48 0.25 32.28 -24.87
CA ARG B 48 -1.19 32.28 -24.52
C ARG B 48 -1.94 33.52 -25.04
N GLU B 49 -1.22 34.56 -25.39
CA GLU B 49 -1.82 35.80 -25.83
C GLU B 49 -1.78 35.92 -27.33
N HIS B 50 -1.81 34.80 -28.05
CA HIS B 50 -1.78 34.87 -29.51
C HIS B 50 -2.94 34.11 -30.11
N PRO B 51 -3.68 34.74 -31.04
CA PRO B 51 -4.82 34.01 -31.61
C PRO B 51 -4.41 32.83 -32.50
N ASP B 52 -5.25 31.79 -32.55
CA ASP B 52 -5.09 30.67 -33.48
C ASP B 52 -5.48 31.03 -34.93
N GLN B 53 -4.50 31.13 -35.81
CA GLN B 53 -4.75 31.52 -37.20
C GLN B 53 -4.60 30.34 -38.16
N GLY B 54 -4.88 29.13 -37.69
CA GLY B 54 -4.68 27.92 -38.51
C GLY B 54 -3.49 27.06 -38.08
N LEU B 55 -3.35 26.90 -36.77
CA LEU B 55 -2.24 26.13 -36.22
C LEU B 55 -2.44 24.65 -36.57
N ILE B 56 -1.33 23.91 -36.68
CA ILE B 56 -1.41 22.43 -36.85
C ILE B 56 -2.11 21.73 -35.69
N CYS B 57 -2.16 22.37 -34.52
CA CYS B 57 -2.94 21.90 -33.35
C CYS B 57 -3.75 23.01 -32.72
N HIS B 58 -5.06 22.87 -32.82
CA HIS B 58 -5.99 23.82 -32.27
C HIS B 58 -6.16 23.72 -30.78
N ASP B 59 -5.67 22.64 -30.16
CA ASP B 59 -5.81 22.43 -28.72
C ASP B 59 -4.56 22.84 -27.90
N ALA B 60 -3.63 23.56 -28.52
CA ALA B 60 -2.46 24.13 -27.87
C ALA B 60 -2.14 25.51 -28.49
N PHE B 61 -1.47 26.35 -27.72
CA PHE B 61 -1.14 27.70 -28.19
C PHE B 61 -0.14 27.66 -29.32
N CYS B 62 -0.16 28.72 -30.14
CA CYS B 62 0.92 29.00 -31.06
C CYS B 62 2.26 28.97 -30.31
N GLY B 63 3.19 28.17 -30.83
CA GLY B 63 4.52 28.00 -30.25
C GLY B 63 4.64 26.92 -29.18
N ALA B 64 3.60 26.10 -29.04
CA ALA B 64 3.63 24.99 -28.06
C ALA B 64 4.23 23.80 -28.75
N LEU B 65 4.72 22.87 -27.94
CA LEU B 65 5.12 21.53 -28.39
C LEU B 65 3.89 20.64 -28.54
N VAL B 66 3.76 20.00 -29.69
CA VAL B 66 2.78 18.98 -29.93
C VAL B 66 3.43 17.72 -30.52
N MET B 67 2.62 16.67 -30.68
CA MET B 67 3.12 15.44 -31.22
C MET B 67 2.08 14.74 -32.07
N LYS B 68 2.59 13.81 -32.87
CA LYS B 68 1.79 12.77 -33.49
C LYS B 68 2.30 11.41 -33.03
N ILE B 69 1.37 10.49 -32.83
CA ILE B 69 1.66 9.06 -32.68
C ILE B 69 1.21 8.34 -34.00
N GLY B 70 2.18 7.77 -34.70
CA GLY B 70 2.04 7.25 -36.06
C GLY B 70 1.40 8.33 -36.89
N ASN B 71 0.34 8.00 -37.59
CA ASN B 71 -0.38 9.02 -38.33
C ASN B 71 -1.58 9.57 -37.63
N SER B 72 -1.55 9.70 -36.31
CA SER B 72 -2.63 10.40 -35.61
C SER B 72 -2.66 11.89 -35.99
N GLY B 73 -3.72 12.57 -35.59
CA GLY B 73 -3.72 14.02 -35.60
C GLY B 73 -2.80 14.49 -34.47
N THR B 74 -2.69 15.80 -34.32
CA THR B 74 -1.81 16.39 -33.33
C THR B 74 -2.42 16.32 -31.93
N ILE B 75 -1.56 16.05 -30.97
CA ILE B 75 -1.91 15.86 -29.57
C ILE B 75 -1.06 16.87 -28.81
N PRO B 76 -1.66 17.72 -27.93
CA PRO B 76 -0.78 18.64 -27.18
C PRO B 76 0.20 17.93 -26.26
N VAL B 77 1.44 18.43 -26.20
CA VAL B 77 2.43 17.96 -25.22
C VAL B 77 2.73 19.07 -24.21
N ASN B 78 2.93 20.28 -24.70
CA ASN B 78 3.26 21.39 -23.85
C ASN B 78 4.48 21.10 -23.05
N THR B 79 4.49 21.29 -21.73
CA THR B 79 5.70 21.06 -20.94
C THR B 79 5.96 19.55 -20.75
N GLY B 80 4.94 18.73 -21.03
CA GLY B 80 5.08 17.28 -20.94
C GLY B 80 3.83 16.56 -20.50
N LEU B 81 3.97 15.24 -20.36
CA LEU B 81 2.90 14.33 -20.05
C LEU B 81 3.46 13.41 -18.96
N PHE B 82 2.70 13.28 -17.87
CA PHE B 82 3.09 12.46 -16.75
C PHE B 82 2.30 11.17 -16.77
N ARG B 83 2.99 10.07 -16.99
CA ARG B 83 2.38 8.74 -16.92
C ARG B 83 1.07 8.66 -17.66
N TRP B 84 1.21 8.95 -18.93
CA TRP B 84 0.10 9.19 -19.81
C TRP B 84 -0.19 8.01 -20.70
N VAL B 85 -1.48 7.72 -20.84
CA VAL B 85 -2.04 6.67 -21.76
C VAL B 85 -2.85 7.35 -22.86
N ALA B 86 -2.61 6.97 -24.11
CA ALA B 86 -3.35 7.55 -25.24
C ALA B 86 -4.85 7.35 -25.08
N PRO B 87 -5.62 8.45 -24.97
CA PRO B 87 -7.10 8.41 -24.76
C PRO B 87 -7.86 7.84 -25.95
N ASN B 88 -7.17 7.72 -27.08
CA ASN B 88 -7.71 7.17 -28.30
C ASN B 88 -6.85 5.98 -28.73
N ASN B 89 -7.34 5.12 -29.62
CA ASN B 89 -6.44 4.07 -30.10
C ASN B 89 -5.53 4.56 -31.20
N VAL B 90 -4.30 4.81 -30.77
CA VAL B 90 -3.26 5.32 -31.62
C VAL B 90 -2.04 4.43 -31.48
N GLN B 91 -1.19 4.40 -32.51
CA GLN B 91 -0.04 3.56 -32.45
C GLN B 91 1.03 4.07 -33.39
N GLY B 92 2.29 3.94 -33.01
CA GLY B 92 3.36 4.23 -33.93
C GLY B 92 4.39 5.15 -33.37
N ALA B 93 5.32 5.51 -34.23
CA ALA B 93 6.47 6.27 -33.84
C ALA B 93 5.92 7.62 -33.36
N ILE B 94 6.42 8.09 -32.24
CA ILE B 94 6.12 9.46 -31.85
C ILE B 94 6.98 10.39 -32.68
N THR B 95 6.33 11.36 -33.33
CA THR B 95 7.06 12.49 -33.93
CA THR B 95 7.03 12.50 -33.93
C THR B 95 6.67 13.79 -33.16
N LEU B 96 7.65 14.65 -32.87
CA LEU B 96 7.42 15.90 -32.10
C LEU B 96 7.46 17.08 -33.06
N ILE B 97 6.61 18.08 -32.82
CA ILE B 97 6.51 19.23 -33.74
C ILE B 97 6.19 20.52 -32.99
N TYR B 98 6.81 21.61 -33.45
CA TYR B 98 6.47 22.97 -33.06
C TYR B 98 5.17 23.44 -33.69
N ASN B 99 4.25 23.94 -32.85
CA ASN B 99 2.91 24.34 -33.27
C ASN B 99 2.96 25.72 -33.92
N ASP B 100 2.81 25.74 -35.24
CA ASP B 100 2.78 27.02 -36.01
C ASP B 100 1.87 26.79 -37.21
N VAL B 101 1.59 27.84 -37.97
CA VAL B 101 0.75 27.73 -39.15
C VAL B 101 1.60 27.21 -40.31
N PRO B 102 1.13 26.15 -41.02
CA PRO B 102 1.93 25.58 -42.13
C PRO B 102 2.36 26.66 -43.15
N GLY B 103 3.60 26.56 -43.64
CA GLY B 103 4.16 27.58 -44.53
C GLY B 103 4.67 28.84 -43.86
N THR B 104 4.38 29.03 -42.56
CA THR B 104 4.90 30.21 -41.84
C THR B 104 6.10 29.93 -40.94
N TYR B 105 6.77 28.78 -41.14
CA TYR B 105 7.86 28.37 -40.27
C TYR B 105 9.18 29.10 -40.56
N GLY B 106 9.27 29.81 -41.70
CA GLY B 106 10.52 30.49 -42.08
C GLY B 106 11.06 31.60 -41.21
N ASN B 107 10.20 32.19 -40.37
CA ASN B 107 10.67 33.16 -39.38
C ASN B 107 10.76 32.61 -37.94
N ASN B 108 10.79 31.28 -37.79
CA ASN B 108 10.82 30.63 -36.46
C ASN B 108 12.25 30.40 -36.06
N SER B 109 12.49 30.29 -34.77
CA SER B 109 13.85 30.16 -34.25
C SER B 109 13.78 29.45 -32.88
N GLY B 110 14.91 28.86 -32.51
CA GLY B 110 15.07 28.16 -31.25
C GLY B 110 14.63 26.71 -31.36
N SER B 111 14.50 26.05 -30.23
CA SER B 111 14.25 24.61 -30.20
C SER B 111 13.82 24.20 -28.80
N PHE B 112 13.21 23.03 -28.68
CA PHE B 112 12.95 22.46 -27.34
C PHE B 112 13.77 21.18 -27.19
N SER B 113 14.23 20.96 -25.98
CA SER B 113 14.86 19.68 -25.63
C SER B 113 13.82 18.79 -24.96
N VAL B 114 13.80 17.51 -25.31
CA VAL B 114 12.65 16.67 -24.95
C VAL B 114 13.18 15.31 -24.52
N ASN B 115 12.68 14.78 -23.39
CA ASN B 115 12.94 13.40 -22.94
C ASN B 115 11.59 12.65 -23.02
N ILE B 116 11.60 11.40 -23.47
CA ILE B 116 10.44 10.58 -23.48
C ILE B 116 10.89 9.21 -23.00
N GLY B 117 10.13 8.64 -22.08
CA GLY B 117 10.32 7.23 -21.72
C GLY B 117 9.01 6.52 -21.50
N LYS B 118 9.03 5.18 -21.54
CA LYS B 118 7.88 4.42 -21.20
C LYS B 118 7.97 4.12 -19.72
N ASP B 119 6.80 4.12 -19.11
CA ASP B 119 6.62 3.88 -17.70
C ASP B 119 6.14 2.41 -17.50
N GLN B 120 6.08 1.97 -16.24
CA GLN B 120 5.45 0.69 -15.94
C GLN B 120 3.99 0.67 -16.37
N SER B 121 3.53 -0.50 -16.81
CA SER B 121 2.15 -0.71 -17.15
C SER B 121 1.75 -2.15 -17.00
N ALA C 1 -0.74 -4.62 -17.23
CA ALA C 1 -0.34 -5.71 -16.31
C ALA C 1 -1.42 -6.78 -16.45
N TRP C 2 -1.06 -8.03 -16.18
CA TRP C 2 -2.00 -9.14 -16.30
C TRP C 2 -1.82 -9.98 -15.08
N LYS C 3 -2.90 -10.51 -14.51
CA LYS C 3 -2.79 -11.52 -13.45
C LYS C 3 -3.77 -12.61 -13.79
N GLY C 4 -3.34 -13.86 -13.74
CA GLY C 4 -4.21 -14.96 -14.14
C GLY C 4 -3.64 -16.27 -13.71
N GLU C 5 -4.38 -17.35 -13.98
CA GLU C 5 -3.99 -18.71 -13.66
C GLU C 5 -3.59 -19.44 -14.90
N VAL C 6 -2.66 -20.39 -14.77
CA VAL C 6 -2.21 -21.23 -15.82
C VAL C 6 -2.43 -22.68 -15.35
N LEU C 7 -3.35 -23.38 -16.03
CA LEU C 7 -3.72 -24.74 -15.62
C LEU C 7 -2.70 -25.75 -16.09
N ALA C 8 -2.31 -26.66 -15.18
CA ALA C 8 -1.27 -27.63 -15.53
C ALA C 8 -1.73 -28.56 -16.67
N ASN C 9 -3.01 -28.89 -16.72
CA ASN C 9 -3.45 -29.86 -17.72
C ASN C 9 -3.85 -29.25 -19.05
N ASN C 10 -3.74 -27.92 -19.19
CA ASN C 10 -4.07 -27.26 -20.46
C ASN C 10 -2.85 -27.25 -21.37
N GLU C 11 -2.88 -28.12 -22.37
CA GLU C 11 -1.78 -28.24 -23.33
C GLU C 11 -1.55 -27.00 -24.18
N ALA C 12 -2.63 -26.28 -24.48
CA ALA C 12 -2.59 -25.05 -25.31
C ALA C 12 -1.89 -23.86 -24.64
N GLY C 13 -1.91 -23.86 -23.31
CA GLY C 13 -1.39 -22.77 -22.51
C GLY C 13 -2.46 -21.73 -22.30
N GLN C 14 -2.12 -20.73 -21.52
CA GLN C 14 -3.02 -19.64 -21.24
C GLN C 14 -2.55 -18.36 -21.93
N VAL C 15 -3.38 -17.81 -22.81
CA VAL C 15 -3.04 -16.55 -23.47
C VAL C 15 -3.32 -15.41 -22.53
N THR C 16 -2.37 -14.51 -22.39
CA THR C 16 -2.55 -13.36 -21.53
C THR C 16 -2.91 -12.16 -22.41
N SER C 17 -3.31 -11.06 -21.79
CA SER C 17 -3.56 -9.80 -22.48
C SER C 17 -2.25 -9.09 -22.86
N ILE C 18 -1.11 -9.63 -22.48
CA ILE C 18 0.14 -8.94 -22.74
C ILE C 18 0.64 -9.20 -24.17
N ILE C 19 0.74 -8.13 -24.97
CA ILE C 19 1.48 -8.18 -26.24
C ILE C 19 2.88 -7.63 -25.99
N TYR C 20 3.88 -8.51 -26.12
CA TYR C 20 5.24 -8.12 -26.04
C TYR C 20 5.61 -7.40 -27.34
N ASN C 21 6.08 -6.16 -27.21
CA ASN C 21 6.55 -5.34 -28.35
C ASN C 21 8.05 -5.09 -28.28
N PRO C 22 8.69 -4.89 -29.44
CA PRO C 22 10.13 -4.61 -29.46
C PRO C 22 10.51 -3.48 -28.48
N GLY C 23 11.61 -3.68 -27.74
CA GLY C 23 12.06 -2.80 -26.70
C GLY C 23 11.42 -2.99 -25.33
N ASP C 24 10.37 -3.81 -25.21
CA ASP C 24 9.64 -3.94 -23.94
C ASP C 24 10.53 -4.64 -22.92
N VAL C 25 10.40 -4.20 -21.66
CA VAL C 25 11.01 -4.81 -20.49
C VAL C 25 9.84 -5.36 -19.67
N ILE C 26 9.92 -6.62 -19.24
CA ILE C 26 8.81 -7.19 -18.48
C ILE C 26 9.29 -7.91 -17.21
N THR C 27 8.40 -7.95 -16.23
CA THR C 27 8.63 -8.69 -15.00
C THR C 27 7.46 -9.66 -14.81
N ILE C 28 7.80 -10.91 -14.53
CA ILE C 28 6.85 -11.98 -14.27
C ILE C 28 7.18 -12.58 -12.91
N VAL C 29 6.15 -12.74 -12.08
CA VAL C 29 6.27 -13.52 -10.83
C VAL C 29 5.20 -14.63 -10.85
N ALA C 30 5.61 -15.87 -10.64
CA ALA C 30 4.73 -17.03 -10.71
C ALA C 30 4.75 -17.75 -9.35
N ALA C 31 3.58 -18.20 -8.90
CA ALA C 31 3.52 -18.93 -7.62
C ALA C 31 2.52 -20.07 -7.75
N GLY C 32 2.56 -21.00 -6.80
CA GLY C 32 1.56 -22.06 -6.71
C GLY C 32 2.13 -23.45 -6.88
N TRP C 33 1.22 -24.43 -7.04
CA TRP C 33 1.54 -25.82 -6.93
C TRP C 33 0.82 -26.61 -7.99
N ALA C 34 1.57 -27.45 -8.68
CA ALA C 34 1.02 -28.23 -9.77
C ALA C 34 1.72 -29.55 -9.95
N SER C 35 1.04 -30.49 -10.61
CA SER C 35 1.62 -31.80 -10.87
C SER C 35 1.51 -32.21 -12.32
N TYR C 36 2.52 -32.91 -12.82
CA TYR C 36 2.48 -33.52 -14.16
C TYR C 36 2.08 -35.01 -14.11
N GLY C 37 1.50 -35.45 -13.00
CA GLY C 37 1.10 -36.85 -12.89
C GLY C 37 1.02 -37.26 -11.45
N PRO C 38 2.18 -37.37 -10.77
CA PRO C 38 2.29 -37.86 -9.42
C PRO C 38 1.37 -37.16 -8.44
N THR C 39 1.10 -37.77 -7.31
CA THR C 39 0.22 -37.16 -6.32
C THR C 39 0.94 -35.95 -5.65
N GLN C 40 2.26 -35.95 -5.70
CA GLN C 40 3.06 -34.84 -5.20
C GLN C 40 2.94 -33.67 -6.18
N LYS C 41 3.22 -32.48 -5.67
CA LYS C 41 3.12 -31.25 -6.48
C LYS C 41 4.37 -30.44 -6.34
N TRP C 42 4.63 -29.63 -7.38
CA TRP C 42 5.81 -28.84 -7.52
C TRP C 42 5.46 -27.40 -7.84
N GLY C 43 6.35 -26.50 -7.45
CA GLY C 43 6.19 -25.11 -7.82
C GLY C 43 6.59 -24.87 -9.27
N PRO C 44 6.66 -23.56 -9.66
CA PRO C 44 6.92 -23.20 -11.06
C PRO C 44 8.28 -23.56 -11.66
N GLN C 45 9.22 -24.06 -10.85
CA GLN C 45 10.46 -24.64 -11.32
C GLN C 45 10.37 -26.11 -11.77
N GLY C 46 9.24 -26.73 -11.52
CA GLY C 46 9.07 -28.14 -11.77
C GLY C 46 9.86 -29.08 -10.87
N ASP C 47 10.05 -30.28 -11.38
CA ASP C 47 10.66 -31.42 -10.67
C ASP C 47 12.08 -31.65 -11.22
N ARG C 48 13.09 -31.37 -10.40
CA ARG C 48 14.49 -31.50 -10.83
C ARG C 48 14.98 -32.95 -10.76
N GLU C 49 14.14 -33.84 -10.27
CA GLU C 49 14.54 -35.24 -10.13
C GLU C 49 13.95 -36.08 -11.25
N HIS C 50 13.30 -35.41 -12.19
CA HIS C 50 12.64 -36.11 -13.27
C HIS C 50 13.34 -35.89 -14.60
N PRO C 51 13.48 -36.96 -15.40
CA PRO C 51 14.05 -36.85 -16.74
C PRO C 51 13.22 -36.13 -17.81
N ASP C 52 13.92 -35.63 -18.83
CA ASP C 52 13.32 -34.98 -19.98
C ASP C 52 12.99 -36.01 -21.03
N GLN C 53 11.69 -36.27 -21.21
CA GLN C 53 11.27 -37.32 -22.15
C GLN C 53 10.69 -36.76 -23.43
N GLY C 54 11.07 -35.52 -23.77
CA GLY C 54 10.55 -34.86 -24.99
C GLY C 54 9.67 -33.66 -24.64
N LEU C 55 10.01 -32.99 -23.52
CA LEU C 55 9.33 -31.78 -23.05
C LEU C 55 9.29 -30.66 -24.10
N ILE C 56 8.25 -29.83 -24.02
CA ILE C 56 8.06 -28.70 -24.95
C ILE C 56 9.19 -27.69 -24.78
N CYS C 57 9.74 -27.61 -23.56
CA CYS C 57 10.96 -26.83 -23.30
C CYS C 57 12.10 -27.65 -22.64
N HIS C 58 13.15 -27.90 -23.40
CA HIS C 58 14.29 -28.66 -22.91
C HIS C 58 15.16 -27.85 -21.99
N ASP C 59 14.84 -26.57 -21.85
CA ASP C 59 15.66 -25.66 -21.10
C ASP C 59 15.04 -25.47 -19.69
N ALA C 60 13.95 -26.18 -19.42
CA ALA C 60 13.33 -26.19 -18.08
C ALA C 60 12.95 -27.62 -17.68
N PHE C 61 12.87 -27.84 -16.37
CA PHE C 61 12.41 -29.12 -15.84
C PHE C 61 10.93 -29.34 -16.15
N CYS C 62 10.53 -30.61 -16.14
CA CYS C 62 9.13 -31.02 -16.24
C CYS C 62 8.35 -30.45 -15.07
N GLY C 63 7.14 -29.92 -15.31
CA GLY C 63 6.37 -29.22 -14.28
C GLY C 63 6.69 -27.72 -14.13
N ALA C 64 7.71 -27.25 -14.87
CA ALA C 64 8.13 -25.83 -14.86
C ALA C 64 7.17 -24.92 -15.65
N LEU C 65 7.08 -23.64 -15.30
CA LEU C 65 6.34 -22.67 -16.13
C LEU C 65 7.20 -22.18 -17.30
N VAL C 66 6.64 -22.20 -18.51
CA VAL C 66 7.34 -21.71 -19.66
C VAL C 66 6.41 -20.78 -20.44
N MET C 67 6.93 -20.16 -21.49
CA MET C 67 6.10 -19.26 -22.27
C MET C 67 6.51 -19.28 -23.71
N LYS C 68 5.59 -18.83 -24.55
CA LYS C 68 5.88 -18.42 -25.92
C LYS C 68 5.42 -16.97 -26.12
N ILE C 69 6.16 -16.26 -26.95
CA ILE C 69 5.85 -14.90 -27.36
C ILE C 69 5.57 -14.96 -28.87
N GLY C 70 4.33 -14.70 -29.25
CA GLY C 70 3.89 -14.81 -30.65
C GLY C 70 4.20 -16.24 -31.05
N ASN C 71 4.91 -16.42 -32.15
CA ASN C 71 5.24 -17.78 -32.59
C ASN C 71 6.69 -18.12 -32.29
N SER C 72 7.21 -17.67 -31.14
CA SER C 72 8.57 -18.02 -30.76
C SER C 72 8.55 -19.48 -30.31
N GLY C 73 9.75 -20.05 -30.13
CA GLY C 73 9.91 -21.30 -29.43
C GLY C 73 9.65 -21.09 -27.95
N THR C 74 9.67 -22.19 -27.20
CA THR C 74 9.46 -22.11 -25.75
C THR C 74 10.61 -21.41 -25.08
N ILE C 75 10.26 -20.56 -24.12
CA ILE C 75 11.21 -19.83 -23.29
C ILE C 75 10.93 -20.14 -21.82
N PRO C 76 11.96 -20.52 -21.06
CA PRO C 76 11.65 -20.75 -19.64
C PRO C 76 11.22 -19.49 -18.87
N VAL C 77 10.29 -19.64 -17.93
CA VAL C 77 9.96 -18.59 -17.01
C VAL C 77 10.30 -19.00 -15.57
N ASN C 78 10.02 -20.27 -15.19
CA ASN C 78 10.21 -20.70 -13.81
C ASN C 78 9.51 -19.83 -12.81
N THR C 79 10.18 -19.38 -11.74
CA THR C 79 9.50 -18.53 -10.76
C THR C 79 9.20 -17.11 -11.26
N GLY C 80 9.81 -16.75 -12.38
CA GLY C 80 9.66 -15.42 -12.92
C GLY C 80 10.87 -14.86 -13.64
N LEU C 81 10.64 -13.66 -14.17
CA LEU C 81 11.64 -12.92 -14.87
C LEU C 81 11.70 -11.54 -14.29
N PHE C 82 12.92 -11.04 -14.09
CA PHE C 82 13.15 -9.73 -13.51
C PHE C 82 13.71 -8.77 -14.58
N ARG C 83 12.91 -7.78 -14.93
CA ARG C 83 13.26 -6.74 -15.90
C ARG C 83 13.94 -7.34 -17.11
N TRP C 84 13.18 -8.15 -17.78
CA TRP C 84 13.66 -8.99 -18.83
C TRP C 84 13.32 -8.45 -20.22
N VAL C 85 14.25 -8.64 -21.14
CA VAL C 85 14.09 -8.22 -22.55
C VAL C 85 14.26 -9.44 -23.46
N ALA C 86 13.38 -9.56 -24.45
CA ALA C 86 13.35 -10.70 -25.34
C ALA C 86 14.46 -10.58 -26.37
N PRO C 87 14.86 -11.73 -26.98
CA PRO C 87 15.76 -11.70 -28.15
C PRO C 87 15.15 -10.89 -29.30
N ASN C 88 15.99 -10.28 -30.14
CA ASN C 88 15.50 -9.55 -31.32
C ASN C 88 14.56 -10.41 -32.15
N ASN C 89 13.61 -9.79 -32.83
CA ASN C 89 12.63 -10.46 -33.69
C ASN C 89 11.67 -11.40 -32.96
N VAL C 90 11.58 -11.26 -31.63
CA VAL C 90 10.57 -12.00 -30.86
C VAL C 90 9.58 -10.98 -30.41
N GLN C 91 8.31 -11.19 -30.73
CA GLN C 91 7.25 -10.29 -30.34
C GLN C 91 5.91 -10.94 -30.55
N GLY C 92 4.89 -10.33 -29.97
CA GLY C 92 3.52 -10.81 -30.03
C GLY C 92 2.97 -11.22 -28.67
N ALA C 93 1.75 -11.79 -28.68
CA ALA C 93 1.03 -12.25 -27.49
C ALA C 93 1.86 -13.22 -26.64
N ILE C 94 1.89 -12.97 -25.33
CA ILE C 94 2.51 -13.96 -24.41
C ILE C 94 1.53 -15.07 -24.03
N THR C 95 1.92 -16.29 -24.26
CA THR C 95 1.12 -17.44 -23.84
C THR C 95 1.95 -18.17 -22.80
N LEU C 96 1.36 -18.40 -21.63
CA LEU C 96 2.00 -19.17 -20.53
C LEU C 96 1.61 -20.64 -20.60
N ILE C 97 2.58 -21.52 -20.41
CA ILE C 97 2.39 -22.96 -20.70
C ILE C 97 3.07 -23.76 -19.57
N TYR C 98 2.35 -24.76 -19.03
CA TYR C 98 3.00 -25.75 -18.15
C TYR C 98 3.92 -26.69 -18.96
N ASN C 99 5.15 -26.96 -18.48
CA ASN C 99 6.10 -27.73 -19.25
C ASN C 99 5.89 -29.21 -19.04
N ASP C 100 5.42 -29.90 -20.07
CA ASP C 100 5.26 -31.33 -20.02
C ASP C 100 5.53 -31.90 -21.42
N VAL C 101 5.45 -33.21 -21.51
CA VAL C 101 5.58 -33.89 -22.76
C VAL C 101 4.27 -33.80 -23.50
N PRO C 102 4.33 -33.39 -24.77
CA PRO C 102 3.07 -33.25 -25.50
C PRO C 102 2.29 -34.56 -25.54
N GLY C 103 0.98 -34.46 -25.32
CA GLY C 103 0.09 -35.61 -25.27
C GLY C 103 -0.07 -36.23 -23.89
N THR C 104 0.75 -35.77 -22.94
CA THR C 104 0.72 -36.31 -21.57
C THR C 104 0.14 -35.35 -20.57
N TYR C 105 -0.62 -34.35 -21.05
CA TYR C 105 -1.19 -33.34 -20.15
C TYR C 105 -2.42 -33.84 -19.40
N GLY C 106 -3.03 -34.95 -19.82
CA GLY C 106 -4.33 -35.36 -19.25
C GLY C 106 -4.27 -35.70 -17.75
N ASN C 107 -3.14 -36.26 -17.33
CA ASN C 107 -2.98 -36.58 -15.93
C ASN C 107 -2.45 -35.45 -15.05
N ASN C 108 -2.40 -34.20 -15.54
CA ASN C 108 -1.93 -33.06 -14.74
C ASN C 108 -3.01 -32.41 -13.84
N SER C 109 -2.59 -31.70 -12.78
CA SER C 109 -3.51 -30.95 -11.92
C SER C 109 -2.83 -29.73 -11.31
N GLY C 110 -3.63 -28.89 -10.70
CA GLY C 110 -3.15 -27.68 -10.11
C GLY C 110 -2.78 -26.68 -11.19
N SER C 111 -2.13 -25.60 -10.77
CA SER C 111 -2.02 -24.41 -11.57
C SER C 111 -1.11 -23.40 -10.88
N PHE C 112 -0.66 -22.41 -11.62
CA PHE C 112 0.15 -21.35 -11.10
C PHE C 112 -0.59 -20.01 -11.25
N SER C 113 -0.50 -19.13 -10.25
N SER C 113 -0.46 -19.13 -10.26
CA SER C 113 -0.98 -17.76 -10.46
CA SER C 113 -0.94 -17.77 -10.35
C SER C 113 0.22 -16.90 -10.82
C SER C 113 0.23 -16.89 -10.81
N VAL C 114 0.04 -16.08 -11.84
CA VAL C 114 1.12 -15.38 -12.49
C VAL C 114 0.74 -13.95 -12.71
N ASN C 115 1.64 -13.05 -12.31
CA ASN C 115 1.57 -11.62 -12.59
C ASN C 115 2.60 -11.34 -13.67
N ILE C 116 2.18 -10.56 -14.67
CA ILE C 116 3.05 -9.99 -15.68
C ILE C 116 2.81 -8.51 -15.75
N GLY C 117 3.91 -7.77 -15.83
CA GLY C 117 3.84 -6.31 -15.94
C GLY C 117 4.93 -5.85 -16.87
N LYS C 118 4.69 -4.69 -17.52
CA LYS C 118 5.73 -4.03 -18.27
C LYS C 118 6.41 -3.04 -17.36
N ASP C 119 7.73 -2.97 -17.52
CA ASP C 119 8.56 -2.13 -16.73
C ASP C 119 8.96 -0.89 -17.52
N GLN C 120 9.61 0.05 -16.85
CA GLN C 120 9.99 1.27 -17.53
C GLN C 120 11.14 0.98 -18.52
N SER C 121 11.08 1.64 -19.68
CA SER C 121 12.12 1.53 -20.68
C SER C 121 12.31 2.89 -21.36
N ALA D 1 19.09 -1.24 -6.79
CA ALA D 1 18.61 -2.65 -6.83
C ALA D 1 19.66 -3.50 -6.15
N TRP D 2 19.24 -4.72 -5.84
CA TRP D 2 20.10 -5.69 -5.21
C TRP D 2 19.96 -7.02 -5.84
N LYS D 3 21.08 -7.72 -5.98
CA LYS D 3 21.13 -9.05 -6.58
C LYS D 3 22.14 -9.88 -5.80
N GLY D 4 21.71 -11.07 -5.42
CA GLY D 4 22.54 -11.86 -4.57
C GLY D 4 22.04 -13.24 -4.32
N GLU D 5 22.65 -13.89 -3.33
CA GLU D 5 22.27 -15.24 -2.97
C GLU D 5 21.90 -15.31 -1.50
N VAL D 6 20.94 -16.18 -1.16
CA VAL D 6 20.53 -16.44 0.21
C VAL D 6 20.86 -17.91 0.49
N LEU D 7 21.75 -18.13 1.46
CA LEU D 7 22.23 -19.47 1.80
C LEU D 7 21.24 -20.14 2.79
N ALA D 8 20.92 -21.39 2.50
CA ALA D 8 19.97 -22.14 3.31
C ALA D 8 20.51 -22.39 4.69
N ASN D 9 21.83 -22.43 4.84
CA ASN D 9 22.41 -22.79 6.14
C ASN D 9 22.76 -21.60 6.99
N ASN D 10 22.30 -20.41 6.55
CA ASN D 10 22.62 -19.19 7.23
C ASN D 10 21.47 -18.75 8.09
N GLU D 11 21.58 -19.03 9.38
CA GLU D 11 20.50 -18.80 10.27
C GLU D 11 20.12 -17.31 10.36
N ALA D 12 21.11 -16.43 10.24
CA ALA D 12 20.91 -14.97 10.37
C ALA D 12 20.42 -14.38 9.05
N GLY D 13 20.55 -15.11 7.97
CA GLY D 13 20.04 -14.65 6.68
C GLY D 13 20.95 -13.58 6.09
N GLN D 14 20.44 -12.85 5.11
CA GLN D 14 21.23 -11.96 4.28
C GLN D 14 20.68 -10.52 4.34
N VAL D 15 21.41 -9.57 4.90
CA VAL D 15 20.94 -8.18 4.96
C VAL D 15 21.32 -7.55 3.62
N THR D 16 20.33 -7.09 2.87
CA THR D 16 20.57 -6.52 1.54
C THR D 16 20.77 -5.01 1.69
N SER D 17 21.00 -4.35 0.56
CA SER D 17 21.22 -2.91 0.49
C SER D 17 19.91 -2.17 0.30
N ILE D 18 18.82 -2.90 0.27
CA ILE D 18 17.53 -2.29 0.04
C ILE D 18 16.97 -1.82 1.35
N ILE D 19 16.77 -0.50 1.44
CA ILE D 19 16.06 0.11 2.54
C ILE D 19 14.66 0.38 2.08
N TYR D 20 13.71 -0.34 2.67
CA TYR D 20 12.30 -0.15 2.35
C TYR D 20 11.83 1.05 3.12
N ASN D 21 11.39 2.06 2.39
CA ASN D 21 10.90 3.30 2.95
C ASN D 21 9.38 3.38 2.77
N PRO D 22 8.69 4.12 3.65
CA PRO D 22 7.25 4.31 3.44
C PRO D 22 6.87 4.71 2.01
N GLY D 23 5.91 3.99 1.44
CA GLY D 23 5.41 4.28 0.08
C GLY D 23 6.09 3.48 -1.00
N ASP D 24 7.20 2.80 -0.62
CA ASP D 24 7.97 2.11 -1.62
C ASP D 24 7.13 0.99 -2.19
N VAL D 25 7.33 0.76 -3.49
CA VAL D 25 6.80 -0.42 -4.15
C VAL D 25 8.00 -1.25 -4.61
N ILE D 26 7.97 -2.54 -4.31
CA ILE D 26 9.11 -3.37 -4.64
C ILE D 26 8.69 -4.64 -5.34
N THR D 27 9.68 -5.11 -6.09
CA THR D 27 9.52 -6.35 -6.73
C THR D 27 10.68 -7.25 -6.39
N ILE D 28 10.39 -8.50 -6.01
CA ILE D 28 11.41 -9.53 -5.73
C ILE D 28 11.16 -10.75 -6.57
N VAL D 29 12.19 -11.29 -7.21
CA VAL D 29 12.09 -12.56 -7.90
C VAL D 29 13.15 -13.50 -7.32
N ALA D 30 12.74 -14.68 -6.88
CA ALA D 30 13.68 -15.66 -6.26
C ALA D 30 13.66 -16.97 -7.02
N ALA D 31 14.83 -17.60 -7.12
CA ALA D 31 14.97 -18.86 -7.83
C ALA D 31 16.01 -19.76 -7.16
N GLY D 32 15.91 -21.05 -7.43
CA GLY D 32 16.97 -21.99 -7.09
C GLY D 32 16.46 -23.12 -6.25
N TRP D 33 17.39 -23.77 -5.57
CA TRP D 33 17.15 -25.09 -4.95
C TRP D 33 17.92 -25.21 -3.70
N ALA D 34 17.24 -25.58 -2.61
CA ALA D 34 17.81 -25.59 -1.26
C ALA D 34 17.20 -26.74 -0.48
N SER D 35 17.85 -27.11 0.60
CA SER D 35 17.30 -28.14 1.47
C SER D 35 17.48 -27.75 2.91
N TYR D 36 16.52 -28.17 3.74
CA TYR D 36 16.60 -28.00 5.17
C TYR D 36 17.17 -29.27 5.85
N GLY D 37 17.68 -30.24 5.09
CA GLY D 37 18.27 -31.49 5.68
C GLY D 37 18.20 -32.68 4.76
N PRO D 38 17.01 -32.96 4.22
CA PRO D 38 16.93 -34.07 3.33
C PRO D 38 17.81 -33.94 2.10
N THR D 39 18.05 -35.09 1.50
CA THR D 39 18.81 -35.24 0.28
C THR D 39 18.18 -34.46 -0.87
N GLN D 40 16.87 -34.39 -0.82
CA GLN D 40 16.06 -33.70 -1.82
C GLN D 40 16.23 -32.18 -1.69
N LYS D 41 15.93 -31.46 -2.78
CA LYS D 41 15.87 -30.01 -2.72
C LYS D 41 14.51 -29.44 -3.13
N TRP D 42 14.19 -28.27 -2.59
CA TRP D 42 12.95 -27.57 -2.86
C TRP D 42 13.27 -26.18 -3.33
N GLY D 43 12.32 -25.59 -4.05
CA GLY D 43 12.42 -24.18 -4.41
C GLY D 43 11.97 -23.22 -3.35
N PRO D 44 11.85 -21.93 -3.72
CA PRO D 44 11.64 -20.90 -2.72
C PRO D 44 10.31 -20.94 -2.00
N GLN D 45 9.40 -21.79 -2.44
CA GLN D 45 8.12 -22.02 -1.72
C GLN D 45 8.28 -23.09 -0.63
N GLY D 46 9.38 -23.83 -0.67
CA GLY D 46 9.73 -24.81 0.35
C GLY D 46 8.98 -26.13 0.14
N ASP D 47 8.84 -26.87 1.24
CA ASP D 47 8.29 -28.23 1.23
C ASP D 47 6.88 -28.20 1.79
N ARG D 48 5.90 -28.44 0.92
CA ARG D 48 4.51 -28.34 1.31
C ARG D 48 4.04 -29.53 2.15
N GLU D 49 4.81 -30.60 2.14
CA GLU D 49 4.48 -31.77 2.94
C GLU D 49 5.10 -31.76 4.37
N HIS D 50 6.12 -30.94 4.62
CA HIS D 50 6.83 -31.07 5.92
C HIS D 50 6.12 -30.26 7.00
N PRO D 51 5.90 -30.85 8.20
CA PRO D 51 5.24 -30.12 9.29
C PRO D 51 6.07 -28.97 9.84
N ASP D 52 5.37 -27.94 10.32
CA ASP D 52 5.96 -26.79 10.99
C ASP D 52 6.26 -27.28 12.38
N GLN D 53 7.54 -27.45 12.68
CA GLN D 53 8.03 -27.86 14.02
C GLN D 53 8.69 -26.71 14.80
N GLY D 54 8.28 -25.46 14.53
CA GLY D 54 8.82 -24.26 15.22
C GLY D 54 9.60 -23.31 14.29
N LEU D 55 9.07 -23.11 13.08
CA LEU D 55 9.75 -22.33 12.04
C LEU D 55 9.79 -20.84 12.35
N ILE D 56 10.85 -20.17 11.89
CA ILE D 56 10.96 -18.73 12.07
C ILE D 56 9.79 -17.96 11.44
N CYS D 57 9.16 -18.52 10.40
CA CYS D 57 7.94 -17.98 9.77
C CYS D 57 6.87 -19.07 9.68
N HIS D 58 5.78 -18.88 10.42
CA HIS D 58 4.73 -19.87 10.46
C HIS D 58 3.78 -19.70 9.31
N ASP D 59 3.94 -18.65 8.49
CA ASP D 59 3.07 -18.44 7.32
C ASP D 59 3.72 -18.94 6.01
N ALA D 60 4.83 -19.67 6.13
CA ALA D 60 5.46 -20.28 4.98
C ALA D 60 5.95 -21.66 5.35
N PHE D 61 6.12 -22.48 4.34
CA PHE D 61 6.58 -23.84 4.50
C PHE D 61 8.04 -23.85 4.95
N CYS D 62 8.46 -24.94 5.56
CA CYS D 62 9.89 -25.18 5.81
C CYS D 62 10.62 -25.17 4.47
N GLY D 63 11.74 -24.43 4.39
CA GLY D 63 12.48 -24.30 3.15
C GLY D 63 12.06 -23.15 2.23
N ALA D 64 11.07 -22.38 2.65
CA ALA D 64 10.61 -21.20 1.90
C ALA D 64 11.53 -20.01 2.14
N LEU D 65 11.50 -19.07 1.22
CA LEU D 65 12.19 -17.82 1.38
C LEU D 65 11.24 -16.85 2.09
N VAL D 66 11.77 -16.22 3.13
CA VAL D 66 11.05 -15.19 3.86
C VAL D 66 11.95 -13.98 4.06
N MET D 67 11.37 -12.89 4.59
CA MET D 67 12.14 -11.71 4.86
C MET D 67 11.73 -10.98 6.13
N LYS D 68 12.60 -10.08 6.57
CA LYS D 68 12.26 -9.06 7.54
C LYS D 68 12.55 -7.68 6.96
N ILE D 69 11.74 -6.72 7.31
CA ILE D 69 11.98 -5.32 6.97
C ILE D 69 12.24 -4.59 8.29
N GLY D 70 13.46 -4.12 8.45
CA GLY D 70 13.94 -3.57 9.69
C GLY D 70 13.80 -4.66 10.73
N ASN D 71 13.15 -4.34 11.83
CA ASN D 71 12.96 -5.28 12.93
C ASN D 71 11.53 -5.87 12.94
N SER D 72 10.90 -5.92 11.76
CA SER D 72 9.56 -6.51 11.60
C SER D 72 9.62 -8.00 11.90
N GLY D 73 8.45 -8.59 12.05
CA GLY D 73 8.32 -10.04 12.08
C GLY D 73 8.62 -10.58 10.69
N THR D 74 8.76 -11.90 10.59
CA THR D 74 8.99 -12.53 9.30
C THR D 74 7.77 -12.35 8.36
N ILE D 75 8.06 -12.19 7.05
CA ILE D 75 7.07 -11.95 6.00
C ILE D 75 7.41 -12.91 4.89
N PRO D 76 6.43 -13.73 4.43
CA PRO D 76 6.70 -14.67 3.36
C PRO D 76 7.09 -13.98 2.08
N VAL D 77 8.11 -14.51 1.42
CA VAL D 77 8.46 -14.03 0.07
C VAL D 77 8.12 -15.11 -0.93
N ASN D 78 8.49 -16.35 -0.64
CA ASN D 78 8.28 -17.47 -1.57
C ASN D 78 8.95 -17.16 -2.91
N THR D 79 8.29 -17.32 -4.06
CA THR D 79 8.93 -17.09 -5.34
C THR D 79 9.18 -15.62 -5.65
N GLY D 80 8.50 -14.72 -4.92
CA GLY D 80 8.70 -13.29 -5.06
C GLY D 80 7.48 -12.48 -4.71
N LEU D 81 7.64 -11.18 -4.90
CA LEU D 81 6.62 -10.18 -4.59
C LEU D 81 6.52 -9.33 -5.86
N PHE D 82 5.29 -9.09 -6.32
CA PHE D 82 5.08 -8.36 -7.55
C PHE D 82 4.47 -6.98 -7.20
N ARG D 83 5.25 -5.90 -7.38
CA ARG D 83 4.81 -4.51 -7.15
C ARG D 83 4.11 -4.46 -5.82
N TRP D 84 4.86 -4.85 -4.79
CA TRP D 84 4.36 -5.04 -3.45
C TRP D 84 4.61 -3.86 -2.57
N VAL D 85 3.60 -3.49 -1.77
CA VAL D 85 3.72 -2.42 -0.78
C VAL D 85 3.53 -3.07 0.60
N ALA D 86 4.34 -2.64 1.55
CA ALA D 86 4.35 -3.21 2.89
C ALA D 86 3.17 -2.71 3.68
N PRO D 87 2.84 -3.44 4.77
CA PRO D 87 1.88 -2.95 5.77
C PRO D 87 2.37 -1.69 6.51
N ASN D 88 1.42 -0.90 6.99
CA ASN D 88 1.71 0.32 7.76
C ASN D 88 2.89 0.20 8.68
N ASN D 89 3.68 1.27 8.78
CA ASN D 89 4.75 1.38 9.73
C ASN D 89 5.74 0.23 9.72
N VAL D 90 5.99 -0.34 8.55
CA VAL D 90 7.07 -1.30 8.38
C VAL D 90 8.10 -0.62 7.47
N GLN D 91 9.36 -0.54 7.92
CA GLN D 91 10.43 0.06 7.13
C GLN D 91 11.82 -0.29 7.64
N GLY D 92 12.81 -0.07 6.78
CA GLY D 92 14.15 -0.46 7.10
C GLY D 92 14.78 -1.43 6.10
N ALA D 93 15.97 -1.89 6.43
CA ALA D 93 16.74 -2.77 5.54
C ALA D 93 15.98 -4.09 5.38
N ILE D 94 16.00 -4.64 4.17
CA ILE D 94 15.43 -5.93 3.92
C ILE D 94 16.45 -7.00 4.20
N THR D 95 16.08 -7.95 5.05
CA THR D 95 16.91 -9.14 5.36
C THR D 95 16.20 -10.30 4.79
N LEU D 96 16.88 -11.08 3.97
CA LEU D 96 16.33 -12.29 3.40
C LEU D 96 16.77 -13.52 4.21
N ILE D 97 15.86 -14.48 4.41
CA ILE D 97 16.15 -15.61 5.30
C ILE D 97 15.46 -16.90 4.83
N TYR D 98 16.20 -18.01 4.86
CA TYR D 98 15.65 -19.33 4.62
C TYR D 98 14.83 -19.73 5.83
N ASN D 99 13.62 -20.26 5.62
CA ASN D 99 12.72 -20.63 6.69
C ASN D 99 13.06 -22.02 7.21
N ASP D 100 13.61 -22.08 8.41
CA ASP D 100 13.86 -23.38 9.12
C ASP D 100 13.56 -23.22 10.59
N VAL D 101 13.70 -24.31 11.35
CA VAL D 101 13.64 -24.23 12.80
C VAL D 101 14.95 -23.66 13.38
N PRO D 102 14.85 -22.71 14.30
CA PRO D 102 16.09 -22.22 14.90
C PRO D 102 16.89 -23.35 15.51
N GLY D 103 18.20 -23.29 15.37
CA GLY D 103 19.12 -24.32 15.88
C GLY D 103 19.32 -25.47 14.93
N THR D 104 18.58 -25.51 13.82
CA THR D 104 18.64 -26.64 12.89
C THR D 104 19.13 -26.32 11.47
N TYR D 105 19.75 -25.17 11.30
CA TYR D 105 20.27 -24.73 10.00
C TYR D 105 21.54 -25.44 9.57
N GLY D 106 22.23 -26.10 10.50
CA GLY D 106 23.55 -26.63 10.21
C GLY D 106 23.60 -27.71 9.14
N ASN D 107 22.49 -28.45 8.97
CA ASN D 107 22.42 -29.55 8.00
C ASN D 107 21.74 -29.13 6.65
N ASN D 108 21.64 -27.82 6.48
CA ASN D 108 20.99 -27.22 5.33
C ASN D 108 21.99 -27.08 4.21
N SER D 109 21.47 -26.95 3.00
CA SER D 109 22.34 -26.83 1.84
C SER D 109 21.60 -26.12 0.71
N GLY D 110 22.37 -25.60 -0.22
CA GLY D 110 21.80 -24.89 -1.37
C GLY D 110 21.57 -23.42 -1.07
N SER D 111 21.04 -22.74 -2.09
CA SER D 111 20.81 -21.33 -2.00
C SER D 111 19.76 -20.91 -2.98
N PHE D 112 19.18 -19.72 -2.71
CA PHE D 112 18.35 -19.03 -3.67
C PHE D 112 19.02 -17.79 -4.23
N SER D 113 18.86 -17.59 -5.52
N SER D 113 18.89 -17.59 -5.52
CA SER D 113 19.32 -16.39 -6.19
CA SER D 113 19.32 -16.38 -6.16
C SER D 113 18.13 -15.43 -6.18
C SER D 113 18.14 -15.44 -6.16
N VAL D 114 18.37 -14.17 -5.85
CA VAL D 114 17.29 -13.22 -5.63
C VAL D 114 17.63 -11.88 -6.22
N ASN D 115 16.64 -11.26 -6.87
CA ASN D 115 16.73 -9.89 -7.34
C ASN D 115 15.68 -9.09 -6.61
N ILE D 116 16.09 -7.92 -6.14
CA ILE D 116 15.12 -6.97 -5.56
C ILE D 116 15.30 -5.64 -6.25
N GLY D 117 14.18 -5.02 -6.62
CA GLY D 117 14.22 -3.65 -7.11
C GLY D 117 13.07 -2.83 -6.66
N LYS D 118 13.27 -1.52 -6.66
CA LYS D 118 12.16 -0.63 -6.41
C LYS D 118 11.47 -0.27 -7.72
N ASP D 119 10.15 -0.26 -7.65
CA ASP D 119 9.28 0.00 -8.78
C ASP D 119 8.84 1.43 -8.74
N GLN D 120 8.21 1.89 -9.82
CA GLN D 120 7.53 3.20 -9.83
C GLN D 120 6.51 3.31 -8.72
N SER D 121 6.35 4.51 -8.17
CA SER D 121 5.38 4.72 -7.12
C SER D 121 5.08 6.21 -7.05
N ALA E 1 -7.48 -1.97 1.95
CA ALA E 1 -7.42 -0.46 1.93
C ALA E 1 -7.13 -0.04 0.50
N TRP E 2 -7.48 1.20 0.18
CA TRP E 2 -7.31 1.71 -1.16
C TRP E 2 -6.87 3.15 -1.06
N LYS E 3 -5.87 3.52 -1.86
CA LYS E 3 -5.44 4.91 -1.96
CA LYS E 3 -5.44 4.91 -1.96
C LYS E 3 -5.39 5.30 -3.44
N GLY E 4 -5.97 6.44 -3.80
CA GLY E 4 -5.88 6.87 -5.17
C GLY E 4 -6.33 8.27 -5.41
N GLU E 5 -6.21 8.71 -6.66
CA GLU E 5 -6.59 10.08 -7.07
C GLU E 5 -7.94 10.02 -7.72
N VAL E 6 -8.76 11.03 -7.44
CA VAL E 6 -10.05 11.22 -8.06
C VAL E 6 -9.96 12.52 -8.87
N LEU E 7 -9.97 12.45 -10.20
CA LEU E 7 -9.83 13.64 -11.03
C LEU E 7 -11.17 14.39 -11.10
N ALA E 8 -11.12 15.71 -11.00
CA ALA E 8 -12.31 16.52 -11.06
C ALA E 8 -12.96 16.43 -12.42
N ASN E 9 -12.20 16.13 -13.47
CA ASN E 9 -12.78 16.11 -14.83
C ASN E 9 -13.30 14.72 -15.26
N ASN E 10 -13.33 13.78 -14.30
CA ASN E 10 -13.72 12.39 -14.55
C ASN E 10 -15.20 12.19 -14.19
N GLU E 11 -16.04 12.28 -15.22
CA GLU E 11 -17.45 12.26 -15.02
C GLU E 11 -17.93 10.91 -14.53
N ALA E 12 -17.25 9.88 -14.97
CA ALA E 12 -17.56 8.49 -14.60
C ALA E 12 -17.17 8.19 -13.15
N GLY E 13 -16.24 8.96 -12.61
CA GLY E 13 -15.72 8.71 -11.26
C GLY E 13 -14.65 7.65 -11.25
N GLN E 14 -14.05 7.47 -10.08
CA GLN E 14 -12.94 6.53 -9.91
C GLN E 14 -13.43 5.34 -9.15
N VAL E 15 -13.48 4.17 -9.77
CA VAL E 15 -13.86 2.95 -9.04
C VAL E 15 -12.69 2.55 -8.14
N THR E 16 -12.99 2.17 -6.91
CA THR E 16 -11.97 1.77 -5.98
C THR E 16 -12.02 0.25 -5.89
N SER E 17 -11.03 -0.32 -5.18
CA SER E 17 -11.01 -1.75 -4.87
C SER E 17 -11.89 -2.14 -3.67
N ILE E 18 -12.64 -1.20 -3.09
CA ILE E 18 -13.37 -1.46 -1.86
C ILE E 18 -14.79 -1.91 -2.23
N ILE E 19 -15.17 -3.11 -1.77
CA ILE E 19 -16.57 -3.57 -1.89
C ILE E 19 -17.19 -3.42 -0.51
N TYR E 20 -18.13 -2.53 -0.36
CA TYR E 20 -18.84 -2.38 0.90
C TYR E 20 -19.84 -3.50 1.05
N ASN E 21 -19.73 -4.26 2.14
CA ASN E 21 -20.64 -5.35 2.52
C ASN E 21 -21.40 -5.04 3.78
N PRO E 22 -22.56 -5.69 3.96
CA PRO E 22 -23.33 -5.43 5.15
C PRO E 22 -22.53 -5.61 6.43
N GLY E 23 -22.62 -4.62 7.30
CA GLY E 23 -21.94 -4.60 8.58
C GLY E 23 -20.54 -3.96 8.51
N ASP E 24 -20.04 -3.64 7.33
CA ASP E 24 -18.72 -3.04 7.25
C ASP E 24 -18.76 -1.63 7.86
N VAL E 25 -17.67 -1.31 8.55
CA VAL E 25 -17.41 0.02 9.05
C VAL E 25 -16.24 0.54 8.22
N ILE E 26 -16.34 1.75 7.64
CA ILE E 26 -15.27 2.25 6.84
C ILE E 26 -14.84 3.68 7.29
N THR E 27 -13.57 3.99 7.06
CA THR E 27 -13.06 5.33 7.20
C THR E 27 -12.53 5.84 5.87
N ILE E 28 -12.90 7.08 5.52
CA ILE E 28 -12.42 7.77 4.37
C ILE E 28 -11.77 9.10 4.77
N VAL E 29 -10.59 9.36 4.23
CA VAL E 29 -9.95 10.69 4.33
C VAL E 29 -9.58 11.21 2.95
N ALA E 30 -10.05 12.41 2.62
CA ALA E 30 -9.90 13.02 1.29
C ALA E 30 -9.20 14.35 1.48
N ALA E 31 -8.24 14.61 0.59
CA ALA E 31 -7.47 15.87 0.57
C ALA E 31 -7.22 16.40 -0.83
N GLY E 32 -6.93 17.70 -0.96
CA GLY E 32 -6.55 18.26 -2.23
C GLY E 32 -7.39 19.39 -2.68
N TRP E 33 -7.17 19.80 -3.93
CA TRP E 33 -7.73 21.01 -4.50
C TRP E 33 -8.19 20.76 -5.89
N ALA E 34 -9.40 21.23 -6.20
CA ALA E 34 -9.99 21.00 -7.50
C ALA E 34 -10.93 22.12 -7.88
N SER E 35 -11.24 22.19 -9.16
CA SER E 35 -12.22 23.21 -9.63
C SER E 35 -13.19 22.63 -10.59
N TYR E 36 -14.41 23.15 -10.55
CA TYR E 36 -15.44 22.78 -11.48
C TYR E 36 -15.47 23.75 -12.70
N GLY E 37 -14.48 24.63 -12.80
CA GLY E 37 -14.34 25.50 -14.00
C GLY E 37 -13.62 26.80 -13.70
N PRO E 38 -13.97 27.48 -12.59
CA PRO E 38 -13.33 28.74 -12.20
C PRO E 38 -11.85 28.61 -11.96
N THR E 39 -11.13 29.74 -11.97
CA THR E 39 -9.70 29.66 -11.82
C THR E 39 -9.34 29.33 -10.35
N GLN E 40 -10.22 29.64 -9.40
CA GLN E 40 -10.06 29.30 -7.98
C GLN E 40 -10.16 27.76 -7.84
N LYS E 41 -9.60 27.21 -6.77
CA LYS E 41 -9.85 25.82 -6.42
C LYS E 41 -10.39 25.69 -5.01
N TRP E 42 -11.12 24.57 -4.76
CA TRP E 42 -11.72 24.28 -3.50
C TRP E 42 -11.31 22.90 -3.03
N GLY E 43 -11.39 22.67 -1.72
CA GLY E 43 -11.14 21.32 -1.21
C GLY E 43 -12.34 20.41 -1.38
N PRO E 44 -12.28 19.23 -0.73
CA PRO E 44 -13.35 18.25 -0.96
C PRO E 44 -14.71 18.54 -0.37
N GLN E 45 -14.86 19.63 0.39
CA GLN E 45 -16.20 20.15 0.71
C GLN E 45 -16.82 20.97 -0.41
N GLY E 46 -16.07 21.26 -1.46
CA GLY E 46 -16.60 22.11 -2.55
C GLY E 46 -16.75 23.59 -2.20
N ASP E 47 -17.59 24.25 -2.99
CA ASP E 47 -17.76 25.71 -2.95
C ASP E 47 -19.11 25.99 -2.31
N ARG E 48 -19.12 26.51 -1.10
CA ARG E 48 -20.41 26.66 -0.41
C ARG E 48 -21.27 27.81 -0.95
N GLU E 49 -20.67 28.62 -1.79
CA GLU E 49 -21.32 29.80 -2.37
C GLU E 49 -21.99 29.52 -3.71
N HIS E 50 -21.73 28.39 -4.33
CA HIS E 50 -22.29 28.09 -5.68
C HIS E 50 -23.64 27.41 -5.65
N PRO E 51 -24.57 27.83 -6.56
CA PRO E 51 -25.90 27.16 -6.56
C PRO E 51 -25.87 25.73 -7.07
N ASP E 52 -26.92 24.94 -6.77
CA ASP E 52 -27.04 23.61 -7.37
C ASP E 52 -27.86 23.63 -8.71
N GLN E 53 -27.17 23.50 -9.83
CA GLN E 53 -27.77 23.62 -11.17
C GLN E 53 -28.03 22.24 -11.83
N GLY E 54 -28.23 21.20 -11.01
CA GLY E 54 -28.42 19.82 -11.51
C GLY E 54 -27.25 18.90 -11.14
N LEU E 55 -26.73 19.05 -9.93
CA LEU E 55 -25.54 18.30 -9.50
C LEU E 55 -25.90 16.80 -9.36
N ILE E 56 -24.91 15.95 -9.58
CA ILE E 56 -25.11 14.50 -9.37
C ILE E 56 -25.44 14.19 -7.90
N CYS E 57 -25.13 15.12 -6.97
CA CYS E 57 -25.50 14.94 -5.55
C CYS E 57 -26.02 16.25 -4.98
N HIS E 58 -27.29 16.30 -4.60
CA HIS E 58 -27.86 17.53 -4.05
C HIS E 58 -27.61 17.67 -2.59
N ASP E 59 -26.98 16.69 -1.97
CA ASP E 59 -26.73 16.77 -0.55
C ASP E 59 -25.31 17.24 -0.28
N ALA E 60 -24.61 17.68 -1.33
CA ALA E 60 -23.25 18.26 -1.20
C ALA E 60 -23.05 19.40 -2.17
N PHE E 61 -22.09 20.26 -1.89
CA PHE E 61 -21.85 21.44 -2.75
C PHE E 61 -21.18 21.08 -4.03
N CYS E 62 -21.21 22.01 -4.99
CA CYS E 62 -20.48 21.85 -6.24
C CYS E 62 -18.99 21.78 -5.92
N GLY E 63 -18.31 20.79 -6.48
CA GLY E 63 -16.92 20.63 -6.17
C GLY E 63 -16.61 19.76 -4.97
N ALA E 64 -17.61 19.18 -4.33
CA ALA E 64 -17.41 18.25 -3.21
C ALA E 64 -17.14 16.85 -3.70
N LEU E 65 -16.52 16.06 -2.85
CA LEU E 65 -16.33 14.65 -3.13
C LEU E 65 -17.57 13.87 -2.69
N VAL E 66 -18.13 13.05 -3.60
CA VAL E 66 -19.27 12.20 -3.30
C VAL E 66 -18.87 10.77 -3.74
N MET E 67 -19.72 9.81 -3.44
CA MET E 67 -19.50 8.43 -3.82
C MET E 67 -20.81 7.78 -4.17
N LYS E 68 -20.71 6.64 -4.85
CA LYS E 68 -21.80 5.67 -4.97
C LYS E 68 -21.29 4.35 -4.46
N ILE E 69 -22.19 3.56 -3.86
CA ILE E 69 -21.86 2.23 -3.39
C ILE E 69 -22.77 1.28 -4.14
N GLY E 70 -22.20 0.49 -5.03
CA GLY E 70 -22.97 -0.36 -5.92
C GLY E 70 -23.90 0.52 -6.74
N ASN E 71 -25.16 0.15 -6.72
CA ASN E 71 -26.21 0.85 -7.43
C ASN E 71 -26.92 1.93 -6.63
N SER E 72 -26.31 2.36 -5.54
CA SER E 72 -26.88 3.41 -4.74
C SER E 72 -26.91 4.76 -5.47
N GLY E 73 -27.69 5.66 -4.90
CA GLY E 73 -27.62 7.07 -5.28
C GLY E 73 -26.32 7.63 -4.75
N THR E 74 -26.05 8.89 -5.05
CA THR E 74 -24.85 9.54 -4.57
C THR E 74 -24.98 9.80 -3.06
N ILE E 75 -23.85 9.65 -2.39
CA ILE E 75 -23.73 9.86 -0.94
C ILE E 75 -22.55 10.83 -0.73
N PRO E 76 -22.77 11.90 0.03
CA PRO E 76 -21.66 12.83 0.28
C PRO E 76 -20.51 12.17 1.02
N VAL E 77 -19.30 12.50 0.63
CA VAL E 77 -18.08 12.16 1.37
C VAL E 77 -17.40 13.39 1.98
N ASN E 78 -17.32 14.46 1.20
CA ASN E 78 -16.68 15.69 1.69
C ASN E 78 -15.26 15.39 2.14
N THR E 79 -14.85 15.81 3.35
CA THR E 79 -13.47 15.56 3.78
C THR E 79 -13.21 14.08 4.16
N GLY E 80 -14.28 13.35 4.42
CA GLY E 80 -14.18 11.96 4.79
C GLY E 80 -15.30 11.52 5.70
N LEU E 81 -15.17 10.25 6.11
CA LEU E 81 -16.17 9.64 6.95
C LEU E 81 -15.37 8.89 8.03
N PHE E 82 -15.84 8.97 9.27
CA PHE E 82 -15.11 8.38 10.41
C PHE E 82 -15.91 7.19 10.95
N ARG E 83 -15.34 5.99 10.83
CA ARG E 83 -15.97 4.77 11.34
C ARG E 83 -17.46 4.76 11.02
N TRP E 84 -17.74 4.80 9.72
CA TRP E 84 -19.06 5.03 9.17
C TRP E 84 -19.64 3.72 8.67
N VAL E 85 -20.95 3.57 8.85
CA VAL E 85 -21.71 2.41 8.42
C VAL E 85 -22.76 2.91 7.42
N ALA E 86 -22.93 2.20 6.31
CA ALA E 86 -23.83 2.61 5.26
C ALA E 86 -25.26 2.38 5.69
N PRO E 87 -26.21 2.98 4.96
CA PRO E 87 -27.62 2.58 5.17
C PRO E 87 -27.84 1.10 4.92
N ASN E 88 -28.86 0.54 5.53
CA ASN E 88 -29.25 -0.82 5.20
C ASN E 88 -29.56 -0.88 3.73
N ASN E 89 -29.29 -2.04 3.14
CA ASN E 89 -29.69 -2.31 1.75
C ASN E 89 -28.79 -1.55 0.77
N VAL E 90 -27.64 -1.07 1.26
CA VAL E 90 -26.63 -0.46 0.40
C VAL E 90 -25.38 -1.33 0.44
N GLN E 91 -24.92 -1.77 -0.72
CA GLN E 91 -23.70 -2.55 -0.82
C GLN E 91 -23.14 -2.59 -2.21
N GLY E 92 -21.88 -2.96 -2.29
CA GLY E 92 -21.18 -3.07 -3.57
C GLY E 92 -19.96 -2.19 -3.70
N ALA E 93 -19.40 -2.12 -4.91
CA ALA E 93 -18.12 -1.41 -5.11
C ALA E 93 -18.31 0.09 -4.83
N ILE E 94 -17.31 0.71 -4.20
CA ILE E 94 -17.33 2.16 -3.97
C ILE E 94 -16.70 2.88 -5.15
N THR E 95 -17.46 3.81 -5.72
CA THR E 95 -16.95 4.68 -6.78
C THR E 95 -16.95 6.08 -6.22
N LEU E 96 -15.83 6.77 -6.36
CA LEU E 96 -15.66 8.13 -5.85
C LEU E 96 -15.85 9.08 -7.00
N ILE E 97 -16.62 10.15 -6.79
CA ILE E 97 -16.95 11.08 -7.90
C ILE E 97 -16.84 12.53 -7.46
N TYR E 98 -16.27 13.36 -8.33
CA TYR E 98 -16.37 14.84 -8.18
C TYR E 98 -17.78 15.32 -8.45
N ASN E 99 -18.34 16.09 -7.52
CA ASN E 99 -19.71 16.59 -7.69
C ASN E 99 -19.80 17.78 -8.66
N ASP E 100 -20.30 17.55 -9.86
CA ASP E 100 -20.53 18.63 -10.83
C ASP E 100 -21.85 18.25 -11.57
N VAL E 101 -22.21 19.06 -12.56
CA VAL E 101 -23.44 18.91 -13.32
C VAL E 101 -23.13 18.00 -14.47
N PRO E 102 -23.97 16.99 -14.71
CA PRO E 102 -23.62 16.08 -15.81
C PRO E 102 -23.45 16.85 -17.13
N GLY E 103 -22.44 16.42 -17.86
CA GLY E 103 -22.05 17.04 -19.10
C GLY E 103 -21.21 18.27 -18.99
N THR E 104 -20.88 18.72 -17.75
CA THR E 104 -20.06 19.93 -17.56
C THR E 104 -18.67 19.63 -16.97
N TYR E 105 -18.21 18.38 -17.02
CA TYR E 105 -16.95 18.05 -16.39
C TYR E 105 -15.71 18.42 -17.19
N GLY E 106 -15.88 18.68 -18.49
CA GLY E 106 -14.76 18.94 -19.37
C GLY E 106 -13.86 20.11 -19.01
N ASN E 107 -14.40 21.15 -18.38
CA ASN E 107 -13.56 22.30 -17.94
C ASN E 107 -13.09 22.24 -16.49
N ASN E 108 -13.17 21.04 -15.89
CA ASN E 108 -12.77 20.83 -14.50
C ASN E 108 -11.28 20.59 -14.39
N SER E 109 -10.70 20.82 -13.22
CA SER E 109 -9.28 20.57 -13.08
C SER E 109 -8.89 20.24 -11.67
N GLY E 110 -7.72 19.66 -11.50
CA GLY E 110 -7.34 19.22 -10.16
C GLY E 110 -7.87 17.86 -9.84
N SER E 111 -7.64 17.47 -8.59
CA SER E 111 -7.88 16.11 -8.14
C SER E 111 -7.87 16.05 -6.62
N PHE E 112 -8.52 15.04 -6.08
CA PHE E 112 -8.43 14.75 -4.67
C PHE E 112 -7.72 13.42 -4.49
N SER E 113 -6.89 13.36 -3.46
CA SER E 113 -6.21 12.13 -3.04
CA SER E 113 -6.23 12.11 -3.06
C SER E 113 -7.06 11.56 -1.91
N VAL E 114 -7.44 10.27 -2.02
CA VAL E 114 -8.40 9.69 -1.09
C VAL E 114 -7.86 8.36 -0.58
N ASN E 115 -7.91 8.17 0.74
CA ASN E 115 -7.71 6.86 1.37
C ASN E 115 -9.04 6.29 1.86
N ILE E 116 -9.30 5.01 1.59
CA ILE E 116 -10.42 4.31 2.16
C ILE E 116 -9.94 3.03 2.85
N GLY E 117 -10.44 2.81 4.05
CA GLY E 117 -10.13 1.58 4.75
C GLY E 117 -11.31 0.99 5.47
N LYS E 118 -11.30 -0.32 5.69
CA LYS E 118 -12.28 -0.94 6.56
C LYS E 118 -11.77 -0.96 8.01
N ASP E 119 -12.67 -0.70 8.94
CA ASP E 119 -12.33 -0.64 10.36
C ASP E 119 -12.75 -1.88 11.11
N GLN E 120 -12.27 -1.99 12.33
CA GLN E 120 -12.58 -3.15 13.15
C GLN E 120 -14.08 -3.18 13.44
N SER E 121 -14.66 -4.38 13.44
CA SER E 121 -16.05 -4.52 13.81
C SER E 121 -16.26 -5.81 14.64
N ALA F 1 -11.81 7.09 21.83
CA ALA F 1 -11.82 8.11 20.75
C ALA F 1 -12.35 9.41 21.34
N TRP F 2 -12.17 10.48 20.58
CA TRP F 2 -12.53 11.81 21.02
C TRP F 2 -13.30 12.44 19.91
N LYS F 3 -14.37 13.14 20.26
CA LYS F 3 -15.20 13.85 19.27
C LYS F 3 -15.49 15.22 19.82
N GLY F 4 -15.30 16.23 18.99
CA GLY F 4 -15.48 17.59 19.49
C GLY F 4 -15.40 18.62 18.40
N GLU F 5 -15.21 19.85 18.82
CA GLU F 5 -15.19 20.98 17.89
C GLU F 5 -13.99 21.84 18.18
N VAL F 6 -13.37 22.40 17.14
CA VAL F 6 -12.28 23.30 17.28
C VAL F 6 -12.77 24.68 16.78
N LEU F 7 -12.89 25.64 17.71
N LEU F 7 -12.89 25.63 17.70
CA LEU F 7 -13.32 27.00 17.38
CA LEU F 7 -13.33 26.99 17.38
C LEU F 7 -12.20 27.77 16.71
C LEU F 7 -12.20 27.77 16.71
N ALA F 8 -12.52 28.44 15.60
CA ALA F 8 -11.54 29.26 14.92
C ALA F 8 -11.03 30.38 15.84
N ASN F 9 -11.86 30.87 16.77
CA ASN F 9 -11.41 32.00 17.62
C ASN F 9 -10.72 31.57 18.92
N ASN F 10 -10.36 30.28 19.01
CA ASN F 10 -9.78 29.74 20.25
C ASN F 10 -8.30 29.61 20.08
N GLU F 11 -7.57 30.62 20.55
CA GLU F 11 -6.15 30.70 20.34
C GLU F 11 -5.39 29.55 21.00
N ALA F 12 -5.90 29.12 22.14
CA ALA F 12 -5.22 28.06 22.90
C ALA F 12 -5.44 26.64 22.30
N GLY F 13 -6.46 26.46 21.49
CA GLY F 13 -6.79 25.11 20.99
C GLY F 13 -7.50 24.24 22.00
N GLN F 14 -7.81 23.01 21.58
CA GLN F 14 -8.50 22.02 22.36
C GLN F 14 -7.49 20.94 22.75
N VAL F 15 -7.22 20.76 24.06
CA VAL F 15 -6.43 19.63 24.54
C VAL F 15 -7.38 18.45 24.55
N THR F 16 -7.10 17.44 23.73
CA THR F 16 -8.01 16.31 23.62
C THR F 16 -7.64 15.21 24.64
N SER F 17 -8.42 14.13 24.65
CA SER F 17 -8.22 13.00 25.56
C SER F 17 -7.30 11.97 24.96
N ILE F 18 -6.83 12.22 23.72
CA ILE F 18 -5.99 11.25 23.02
C ILE F 18 -4.53 11.46 23.35
N ILE F 19 -3.90 10.49 24.02
CA ILE F 19 -2.50 10.56 24.35
C ILE F 19 -1.75 9.76 23.31
N TYR F 20 -0.95 10.40 22.47
CA TYR F 20 -0.23 9.68 21.44
C TYR F 20 1.03 9.06 22.06
N ASN F 21 1.11 7.74 21.99
CA ASN F 21 2.26 6.96 22.49
C ASN F 21 3.06 6.35 21.36
N PRO F 22 4.36 6.09 21.60
CA PRO F 22 5.13 5.52 20.52
C PRO F 22 4.50 4.26 19.95
N GLY F 23 4.52 4.20 18.63
CA GLY F 23 3.91 3.08 17.90
C GLY F 23 2.41 3.24 17.60
N ASP F 24 1.76 4.21 18.20
CA ASP F 24 0.34 4.43 17.96
C ASP F 24 0.07 4.81 16.49
N VAL F 25 -1.09 4.35 16.01
CA VAL F 25 -1.61 4.66 14.68
C VAL F 25 -2.95 5.37 14.94
N ILE F 26 -3.11 6.56 14.37
CA ILE F 26 -4.30 7.36 14.64
C ILE F 26 -4.94 7.79 13.33
N THR F 27 -6.24 7.99 13.40
CA THR F 27 -6.98 8.56 12.32
C THR F 27 -7.73 9.78 12.86
N ILE F 28 -7.73 10.81 12.04
CA ILE F 28 -8.46 12.05 12.37
C ILE F 28 -9.25 12.41 11.13
N VAL F 29 -10.51 12.81 11.32
CA VAL F 29 -11.34 13.36 10.23
C VAL F 29 -11.87 14.69 10.74
N ALA F 30 -11.67 15.74 9.94
CA ALA F 30 -12.11 17.12 10.28
C ALA F 30 -13.03 17.63 9.21
N ALA F 31 -14.09 18.33 9.60
CA ALA F 31 -15.02 18.92 8.62
C ALA F 31 -15.50 20.27 9.17
N GLY F 32 -15.98 21.12 8.27
CA GLY F 32 -16.65 22.36 8.65
C GLY F 32 -16.11 23.57 7.94
N TRP F 33 -16.58 24.73 8.39
CA TRP F 33 -16.31 26.04 7.75
C TRP F 33 -15.93 27.05 8.77
N ALA F 34 -14.84 27.76 8.55
CA ALA F 34 -14.32 28.73 9.51
C ALA F 34 -13.61 29.85 8.76
N SER F 35 -13.42 30.94 9.46
CA SER F 35 -12.72 32.10 8.89
C SER F 35 -11.77 32.72 9.92
N TYR F 36 -10.67 33.25 9.42
CA TYR F 36 -9.66 33.95 10.17
C TYR F 36 -9.89 35.48 10.14
N GLY F 37 -10.98 35.91 9.52
CA GLY F 37 -11.36 37.35 9.51
C GLY F 37 -12.19 37.75 8.31
N PRO F 38 -11.79 37.30 7.10
CA PRO F 38 -12.61 37.68 5.94
C PRO F 38 -14.04 37.10 5.92
N THR F 39 -14.85 37.61 4.99
CA THR F 39 -16.22 37.24 4.89
C THR F 39 -16.38 35.80 4.44
N GLN F 40 -15.54 35.35 3.52
CA GLN F 40 -15.54 33.96 3.06
C GLN F 40 -15.27 33.04 4.28
N LYS F 41 -15.65 31.78 4.16
CA LYS F 41 -15.17 30.74 5.10
C LYS F 41 -14.52 29.65 4.26
N TRP F 42 -13.65 28.91 4.92
CA TRP F 42 -12.85 27.83 4.31
C TRP F 42 -12.99 26.57 5.16
N GLY F 43 -12.70 25.43 4.53
CA GLY F 43 -12.62 24.22 5.27
C GLY F 43 -11.30 24.04 5.96
N PRO F 44 -11.03 22.80 6.43
CA PRO F 44 -9.86 22.57 7.28
C PRO F 44 -8.51 22.59 6.59
N GLN F 45 -8.50 22.68 5.27
CA GLN F 45 -7.22 22.99 4.55
C GLN F 45 -6.90 24.50 4.56
N GLY F 46 -7.84 25.34 4.96
CA GLY F 46 -7.63 26.78 5.01
C GLY F 46 -7.66 27.44 3.66
N ASP F 47 -7.03 28.60 3.60
CA ASP F 47 -7.12 29.51 2.48
C ASP F 47 -5.76 29.48 1.79
N ARG F 48 -5.74 28.85 0.64
CA ARG F 48 -4.47 28.65 -0.05
C ARG F 48 -3.94 29.90 -0.70
N GLU F 49 -4.77 30.94 -0.79
CA GLU F 49 -4.37 32.23 -1.41
C GLU F 49 -3.84 33.29 -0.43
N HIS F 50 -3.82 33.01 0.88
CA HIS F 50 -3.42 34.01 1.85
C HIS F 50 -1.97 33.85 2.33
N PRO F 51 -1.19 34.96 2.44
CA PRO F 51 0.20 34.77 2.90
C PRO F 51 0.33 34.44 4.39
N ASP F 52 1.47 33.88 4.75
CA ASP F 52 1.80 33.55 6.13
C ASP F 52 2.44 34.76 6.73
N GLN F 53 1.76 35.39 7.69
CA GLN F 53 2.24 36.60 8.34
C GLN F 53 2.79 36.32 9.75
N GLY F 54 3.20 35.07 10.01
CA GLY F 54 3.56 34.61 11.38
C GLY F 54 2.57 33.58 11.94
N LEU F 55 2.07 32.69 11.10
CA LEU F 55 1.11 31.63 11.53
C LEU F 55 1.74 30.69 12.57
N ILE F 56 0.94 30.09 13.42
CA ILE F 56 1.48 29.11 14.39
C ILE F 56 2.09 27.88 13.69
N CYS F 57 1.58 27.56 12.49
CA CYS F 57 2.13 26.51 11.62
C CYS F 57 2.50 27.07 10.24
N HIS F 58 3.80 27.02 9.93
CA HIS F 58 4.28 27.53 8.65
C HIS F 58 4.07 26.56 7.54
N ASP F 59 3.75 25.30 7.88
CA ASP F 59 3.55 24.26 6.86
C ASP F 59 2.09 23.95 6.61
N ALA F 60 1.19 24.83 7.05
CA ALA F 60 -0.22 24.74 6.69
C ALA F 60 -0.71 26.16 6.33
N PHE F 61 -1.73 26.26 5.48
CA PHE F 61 -2.28 27.58 5.14
C PHE F 61 -2.98 28.22 6.34
N CYS F 62 -3.13 29.53 6.26
CA CYS F 62 -3.91 30.24 7.24
C CYS F 62 -5.34 29.67 7.21
N GLY F 63 -5.90 29.36 8.36
CA GLY F 63 -7.23 28.82 8.44
C GLY F 63 -7.30 27.29 8.43
N ALA F 64 -6.14 26.65 8.38
CA ALA F 64 -6.09 25.17 8.39
C ALA F 64 -6.21 24.63 9.81
N LEU F 65 -6.60 23.36 9.92
CA LEU F 65 -6.44 22.66 11.21
C LEU F 65 -5.02 22.12 11.37
N VAL F 66 -4.44 22.36 12.55
CA VAL F 66 -3.13 21.85 12.92
C VAL F 66 -3.20 21.23 14.32
N MET F 67 -2.16 20.51 14.72
CA MET F 67 -2.16 19.91 16.04
C MET F 67 -0.77 20.00 16.63
N LYS F 68 -0.68 19.76 17.93
CA LYS F 68 0.57 19.49 18.64
C LYS F 68 0.38 18.17 19.38
N ILE F 69 1.45 17.39 19.44
CA ILE F 69 1.52 16.18 20.27
C ILE F 69 2.55 16.47 21.39
N GLY F 70 2.06 16.48 22.61
CA GLY F 70 2.84 16.93 23.76
C GLY F 70 3.25 18.37 23.52
N ASN F 71 4.53 18.66 23.68
CA ASN F 71 5.00 20.00 23.33
C ASN F 71 5.80 19.95 22.07
N SER F 72 5.38 19.14 21.10
CA SER F 72 5.96 19.21 19.78
C SER F 72 5.65 20.62 19.20
N GLY F 73 6.25 20.91 18.07
CA GLY F 73 5.86 22.03 17.25
C GLY F 73 4.59 21.62 16.52
N THR F 74 4.01 22.55 15.81
CA THR F 74 2.73 22.31 15.17
C THR F 74 2.95 21.38 13.99
N ILE F 75 1.95 20.53 13.75
CA ILE F 75 1.91 19.51 12.70
C ILE F 75 0.63 19.70 11.89
N PRO F 76 0.72 19.81 10.57
CA PRO F 76 -0.53 19.99 9.79
C PRO F 76 -1.49 18.80 9.94
N VAL F 77 -2.79 19.06 10.14
CA VAL F 77 -3.83 18.01 10.09
C VAL F 77 -4.70 18.15 8.84
N ASN F 78 -5.07 19.39 8.48
CA ASN F 78 -5.83 19.63 7.30
C ASN F 78 -7.15 18.84 7.37
N THR F 79 -7.60 18.14 6.32
CA THR F 79 -8.86 17.39 6.43
C THR F 79 -8.77 16.17 7.36
N GLY F 80 -7.54 15.75 7.66
CA GLY F 80 -7.34 14.64 8.59
C GLY F 80 -6.12 13.81 8.31
N LEU F 81 -5.99 12.71 9.04
CA LEU F 81 -4.81 11.84 8.92
C LEU F 81 -5.38 10.42 8.86
N PHE F 82 -4.92 9.64 7.91
CA PHE F 82 -5.39 8.28 7.71
C PHE F 82 -4.32 7.31 8.20
N ARG F 83 -4.62 6.60 9.29
CA ARG F 83 -3.76 5.60 9.89
C ARG F 83 -2.32 6.08 9.94
N TRP F 84 -2.15 7.15 10.68
CA TRP F 84 -0.91 7.91 10.70
C TRP F 84 -0.07 7.61 11.90
N VAL F 85 1.23 7.51 11.67
CA VAL F 85 2.21 7.32 12.73
C VAL F 85 3.14 8.54 12.78
N ALA F 86 3.41 9.01 13.98
CA ALA F 86 4.19 10.24 14.15
C ALA F 86 5.58 9.95 13.57
N PRO F 87 6.02 10.71 12.54
CA PRO F 87 7.31 10.36 11.90
C PRO F 87 8.52 10.85 12.69
N ASN F 88 8.27 11.66 13.71
CA ASN F 88 9.30 12.11 14.63
C ASN F 88 9.06 11.40 15.96
N ASN F 89 10.01 11.57 16.89
CA ASN F 89 9.88 10.98 18.20
C ASN F 89 9.04 11.84 19.19
N VAL F 90 7.74 11.89 18.94
CA VAL F 90 6.86 12.75 19.69
C VAL F 90 5.87 11.92 20.48
N GLN F 91 5.45 12.43 21.62
CA GLN F 91 4.56 11.73 22.53
C GLN F 91 3.75 12.72 23.32
N GLY F 92 2.54 12.36 23.67
CA GLY F 92 1.76 13.11 24.61
C GLY F 92 0.38 13.48 24.10
N ALA F 93 -0.35 14.27 24.89
CA ALA F 93 -1.72 14.66 24.55
C ALA F 93 -1.76 15.43 23.21
N ILE F 94 -2.80 15.12 22.43
CA ILE F 94 -3.03 15.81 21.19
C ILE F 94 -3.85 17.07 21.44
N THR F 95 -3.25 18.20 21.03
CA THR F 95 -3.94 19.50 21.06
C THR F 95 -4.27 19.86 19.61
N LEU F 96 -5.55 20.20 19.37
CA LEU F 96 -6.00 20.69 18.07
C LEU F 96 -6.16 22.23 18.10
N ILE F 97 -5.73 22.86 17.06
CA ILE F 97 -5.67 24.34 16.99
C ILE F 97 -6.00 24.83 15.58
N TYR F 98 -6.76 25.93 15.50
CA TYR F 98 -6.95 26.64 14.22
C TYR F 98 -5.65 27.43 13.88
N ASN F 99 -5.18 27.35 12.66
CA ASN F 99 -3.93 28.04 12.26
C ASN F 99 -4.25 29.52 11.96
N ASP F 100 -3.78 30.40 12.83
CA ASP F 100 -3.80 31.84 12.59
C ASP F 100 -2.54 32.47 13.23
N VAL F 101 -2.37 33.77 13.08
CA VAL F 101 -1.26 34.51 13.67
C VAL F 101 -1.55 34.79 15.14
N PRO F 102 -0.57 34.57 16.01
CA PRO F 102 -0.81 34.85 17.42
C PRO F 102 -1.33 36.28 17.66
N GLY F 103 -2.31 36.42 18.54
CA GLY F 103 -2.87 37.74 18.86
C GLY F 103 -3.94 38.22 17.87
N THR F 104 -4.25 37.43 16.82
CA THR F 104 -5.21 37.78 15.77
C THR F 104 -6.45 36.86 15.68
N TYR F 105 -6.70 36.08 16.72
CA TYR F 105 -7.81 35.10 16.71
C TYR F 105 -9.12 35.75 17.06
N GLY F 106 -9.10 37.00 17.58
CA GLY F 106 -10.37 37.62 18.08
C GLY F 106 -11.45 37.86 17.03
N ASN F 107 -11.06 38.03 15.77
CA ASN F 107 -11.98 38.25 14.66
C ASN F 107 -12.35 37.00 13.88
N ASN F 108 -12.00 35.84 14.44
CA ASN F 108 -12.23 34.55 13.76
C ASN F 108 -13.62 34.03 13.95
N SER F 109 -14.09 33.18 13.05
CA SER F 109 -15.42 32.65 13.23
C SER F 109 -15.55 31.24 12.71
N GLY F 110 -16.63 30.59 13.14
CA GLY F 110 -16.85 29.21 12.76
C GLY F 110 -15.99 28.23 13.52
N SER F 111 -16.02 26.99 13.03
CA SER F 111 -15.39 25.87 13.76
C SER F 111 -15.30 24.65 12.87
N PHE F 112 -14.41 23.73 13.23
CA PHE F 112 -14.38 22.43 12.61
C PHE F 112 -14.84 21.33 13.59
N SER F 113 -15.60 20.36 13.12
CA SER F 113 -15.92 19.19 13.93
C SER F 113 -14.85 18.15 13.63
N VAL F 114 -14.36 17.49 14.66
CA VAL F 114 -13.20 16.61 14.50
C VAL F 114 -13.45 15.32 15.28
N ASN F 115 -13.10 14.19 14.67
CA ASN F 115 -13.10 12.90 15.33
C ASN F 115 -11.66 12.45 15.31
N ILE F 116 -11.19 11.88 16.44
CA ILE F 116 -9.89 11.27 16.52
C ILE F 116 -10.07 9.87 17.12
N GLY F 117 -9.39 8.90 16.55
CA GLY F 117 -9.41 7.56 17.12
C GLY F 117 -8.06 6.91 16.98
N LYS F 118 -7.72 6.00 17.91
CA LYS F 118 -6.58 5.09 17.69
C LYS F 118 -7.00 3.88 16.85
N ASP F 119 -6.16 3.53 15.89
CA ASP F 119 -6.42 2.43 15.01
C ASP F 119 -5.68 1.23 15.55
N GLN F 120 -5.91 0.11 14.88
N GLN F 120 -5.88 0.11 14.87
CA GLN F 120 -5.15 -1.10 15.15
CA GLN F 120 -5.20 -1.09 15.27
C GLN F 120 -3.68 -0.90 14.82
C GLN F 120 -3.73 -0.95 14.84
N SER F 121 -2.81 -1.44 15.68
CA SER F 121 -1.38 -1.42 15.39
C SER F 121 -0.69 -2.67 15.90
N ALA G 1 2.32 -4.38 16.28
CA ALA G 1 2.02 -5.81 16.66
C ALA G 1 3.35 -6.45 16.95
N TRP G 2 3.31 -7.60 17.59
CA TRP G 2 4.53 -8.32 17.88
C TRP G 2 4.24 -9.75 17.64
N LYS G 3 5.22 -10.45 17.10
CA LYS G 3 5.10 -11.89 17.11
C LYS G 3 6.43 -12.55 17.41
N GLY G 4 6.39 -13.67 18.10
CA GLY G 4 7.60 -14.32 18.47
C GLY G 4 7.33 -15.58 19.22
N GLU G 5 8.39 -16.23 19.64
CA GLU G 5 8.23 -17.47 20.38
C GLU G 5 8.52 -17.22 21.80
N VAL G 6 7.90 -18.00 22.65
CA VAL G 6 8.13 -18.00 24.07
C VAL G 6 8.64 -19.39 24.41
N LEU G 7 9.90 -19.48 24.89
CA LEU G 7 10.52 -20.77 25.16
C LEU G 7 10.15 -21.28 26.55
N ALA G 8 9.77 -22.56 26.62
CA ALA G 8 9.31 -23.16 27.85
C ALA G 8 10.42 -23.25 28.89
N ASN G 9 11.68 -23.38 28.43
CA ASN G 9 12.79 -23.53 29.35
C ASN G 9 13.35 -22.18 29.81
N ASN G 10 12.80 -21.08 29.29
CA ASN G 10 13.28 -19.73 29.62
C ASN G 10 12.56 -19.18 30.83
N GLU G 11 13.15 -19.31 32.03
CA GLU G 11 12.54 -18.85 33.25
C GLU G 11 12.26 -17.35 33.27
N ALA G 12 13.09 -16.58 32.58
CA ALA G 12 12.94 -15.12 32.49
C ALA G 12 11.72 -14.72 31.64
N GLY G 13 11.26 -15.62 30.77
CA GLY G 13 10.21 -15.25 29.85
C GLY G 13 10.80 -14.39 28.72
N GLN G 14 9.94 -14.04 27.79
CA GLN G 14 10.27 -13.35 26.59
C GLN G 14 9.72 -11.94 26.66
N VAL G 15 10.62 -10.94 26.62
CA VAL G 15 10.16 -9.54 26.67
C VAL G 15 9.73 -9.21 25.25
N THR G 16 8.50 -8.71 25.10
CA THR G 16 8.07 -8.34 23.74
C THR G 16 8.39 -6.85 23.50
N SER G 17 8.06 -6.38 22.28
CA SER G 17 8.20 -4.96 21.92
C SER G 17 6.95 -4.16 22.26
N ILE G 18 5.94 -4.83 22.82
CA ILE G 18 4.68 -4.18 23.14
C ILE G 18 4.78 -3.48 24.49
N ILE G 19 4.56 -2.16 24.51
CA ILE G 19 4.42 -1.46 25.76
C ILE G 19 2.94 -1.23 25.92
N TYR G 20 2.34 -1.78 26.97
CA TYR G 20 0.95 -1.47 27.29
C TYR G 20 0.79 -0.09 27.97
N ASN G 21 0.04 0.78 27.33
CA ASN G 21 -0.24 2.13 27.82
C ASN G 21 -1.67 2.24 28.26
N PRO G 22 -1.93 3.15 29.20
CA PRO G 22 -3.28 3.42 29.66
C PRO G 22 -4.33 3.55 28.54
N GLY G 23 -5.40 2.79 28.69
CA GLY G 23 -6.50 2.78 27.74
C GLY G 23 -6.29 1.84 26.54
N ASP G 24 -5.12 1.17 26.45
CA ASP G 24 -4.87 0.31 25.29
C ASP G 24 -5.80 -0.89 25.35
N VAL G 25 -6.27 -1.30 24.18
CA VAL G 25 -6.99 -2.58 24.02
C VAL G 25 -6.10 -3.51 23.24
N ILE G 26 -5.87 -4.73 23.77
CA ILE G 26 -5.01 -5.65 23.10
C ILE G 26 -5.64 -7.01 22.81
N THR G 27 -5.13 -7.65 21.75
CA THR G 27 -5.48 -9.03 21.45
C THR G 27 -4.23 -9.89 21.40
N ILE G 28 -4.31 -11.06 22.03
CA ILE G 28 -3.18 -12.03 22.03
C ILE G 28 -3.73 -13.37 21.56
N VAL G 29 -2.99 -14.05 20.68
CA VAL G 29 -3.33 -15.42 20.29
C VAL G 29 -2.04 -16.22 20.48
N ALA G 30 -2.13 -17.37 21.15
CA ALA G 30 -0.96 -18.19 21.42
C ALA G 30 -1.26 -19.56 20.94
N ALA G 31 -0.23 -20.21 20.37
CA ALA G 31 -0.37 -21.59 19.87
C ALA G 31 0.91 -22.38 20.14
N GLY G 32 0.80 -23.70 20.10
CA GLY G 32 1.97 -24.53 20.08
C GLY G 32 1.94 -25.56 21.18
N TRP G 33 3.05 -26.28 21.30
CA TRP G 33 3.16 -27.42 22.22
C TRP G 33 4.41 -27.33 23.02
N ALA G 34 4.33 -27.47 24.32
CA ALA G 34 5.50 -27.40 25.16
C ALA G 34 5.36 -28.31 26.37
N SER G 35 6.45 -28.53 27.10
CA SER G 35 6.45 -29.35 28.30
C SER G 35 7.27 -28.76 29.42
N TYR G 36 6.80 -29.01 30.63
CA TYR G 36 7.44 -28.63 31.86
C TYR G 36 8.37 -29.76 32.42
N GLY G 37 8.54 -30.84 31.67
CA GLY G 37 9.37 -32.00 32.13
C GLY G 37 9.13 -33.30 31.37
N PRO G 38 7.88 -33.83 31.42
CA PRO G 38 7.49 -35.09 30.75
C PRO G 38 7.68 -35.07 29.25
N THR G 39 7.73 -36.25 28.61
CA THR G 39 7.87 -36.28 27.17
C THR G 39 6.56 -35.85 26.47
N GLN G 40 5.44 -35.99 27.17
CA GLN G 40 4.15 -35.48 26.68
C GLN G 40 4.25 -33.95 26.49
N LYS G 41 3.40 -33.38 25.65
CA LYS G 41 3.35 -31.92 25.50
C LYS G 41 1.93 -31.42 25.66
N TRP G 42 1.82 -30.15 26.07
CA TRP G 42 0.53 -29.47 26.27
C TRP G 42 0.50 -28.16 25.53
N GLY G 43 -0.70 -27.69 25.22
CA GLY G 43 -0.84 -26.38 24.65
C GLY G 43 -0.78 -25.27 25.68
N PRO G 44 -1.06 -24.03 25.25
CA PRO G 44 -0.93 -22.85 26.09
C PRO G 44 -1.88 -22.79 27.28
N GLN G 45 -2.90 -23.67 27.37
CA GLN G 45 -3.69 -23.79 28.61
C GLN G 45 -3.01 -24.68 29.67
N GLY G 46 -1.91 -25.31 29.29
CA GLY G 46 -1.18 -26.17 30.21
C GLY G 46 -1.86 -27.49 30.55
N ASP G 47 -1.40 -28.09 31.65
CA ASP G 47 -1.80 -29.47 32.00
C ASP G 47 -2.78 -29.39 33.14
N ARG G 48 -4.07 -29.63 32.86
CA ARG G 48 -5.09 -29.49 33.87
C ARG G 48 -5.05 -30.55 34.99
N GLU G 49 -4.21 -31.57 34.88
CA GLU G 49 -4.22 -32.67 35.86
C GLU G 49 -3.11 -32.51 36.87
N HIS G 50 -2.26 -31.52 36.67
CA HIS G 50 -1.04 -31.38 37.44
C HIS G 50 -1.20 -30.44 38.61
N PRO G 51 -0.84 -30.91 39.82
CA PRO G 51 -1.01 -30.04 40.98
C PRO G 51 -0.04 -28.83 40.96
N ASP G 52 -0.47 -27.75 41.58
CA ASP G 52 0.31 -26.51 41.70
C ASP G 52 1.29 -26.68 42.86
N GLN G 53 2.58 -26.76 42.55
CA GLN G 53 3.63 -26.93 43.56
C GLN G 53 4.47 -25.66 43.74
N GLY G 54 3.86 -24.50 43.50
CA GLY G 54 4.55 -23.20 43.66
C GLY G 54 4.80 -22.47 42.36
N LEU G 55 3.80 -22.51 41.48
CA LEU G 55 3.91 -21.93 40.14
C LEU G 55 4.05 -20.41 40.24
N ILE G 56 4.73 -19.76 39.26
CA ILE G 56 4.77 -18.28 39.19
C ILE G 56 3.36 -17.65 39.03
N CYS G 57 2.39 -18.43 38.52
CA CYS G 57 0.99 -18.00 38.46
C CYS G 57 0.06 -19.10 39.01
N HIS G 58 -0.57 -18.80 40.13
CA HIS G 58 -1.47 -19.75 40.77
C HIS G 58 -2.82 -19.75 40.11
N ASP G 59 -3.06 -18.80 39.21
CA ASP G 59 -4.34 -18.71 38.51
C ASP G 59 -4.28 -19.31 37.11
N ALA G 60 -3.18 -20.01 36.81
CA ALA G 60 -3.09 -20.86 35.62
C ALA G 60 -2.43 -22.24 35.90
N PHE G 61 -2.73 -23.23 35.06
CA PHE G 61 -2.12 -24.52 35.24
C PHE G 61 -0.64 -24.49 34.94
N CYS G 62 0.04 -25.53 35.40
CA CYS G 62 1.41 -25.75 35.00
C CYS G 62 1.53 -25.94 33.47
N GLY G 63 2.42 -25.21 32.82
CA GLY G 63 2.58 -25.33 31.37
C GLY G 63 1.65 -24.39 30.62
N ALA G 64 0.95 -23.52 31.36
CA ALA G 64 0.13 -22.49 30.74
C ALA G 64 1.00 -21.27 30.39
N LEU G 65 0.54 -20.48 29.40
CA LEU G 65 1.10 -19.18 29.09
C LEU G 65 0.52 -18.09 30.01
N VAL G 66 1.42 -17.33 30.58
CA VAL G 66 1.06 -16.19 31.42
C VAL G 66 1.88 -14.93 30.98
N MET G 67 1.58 -13.80 31.59
CA MET G 67 2.37 -12.61 31.29
C MET G 67 2.51 -11.70 32.52
N LYS G 68 3.50 -10.81 32.43
CA LYS G 68 3.59 -9.68 33.33
C LYS G 68 3.58 -8.44 32.48
N ILE G 69 2.88 -7.43 32.95
CA ILE G 69 2.87 -6.13 32.28
C ILE G 69 3.53 -5.14 33.27
N GLY G 70 4.68 -4.63 32.90
CA GLY G 70 5.47 -3.78 33.81
C GLY G 70 5.60 -4.45 35.15
N ASN G 71 5.08 -3.82 36.20
CA ASN G 71 5.22 -4.29 37.59
C ASN G 71 3.99 -5.05 38.14
N SER G 72 3.17 -5.57 37.23
CA SER G 72 2.03 -6.35 37.64
C SER G 72 2.56 -7.71 38.16
N GLY G 73 1.69 -8.38 38.85
CA GLY G 73 1.91 -9.78 39.14
C GLY G 73 1.64 -10.54 37.85
N THR G 74 1.66 -11.86 37.95
CA THR G 74 1.42 -12.68 36.75
C THR G 74 -0.03 -12.62 36.43
N ILE G 75 -0.32 -12.58 35.13
CA ILE G 75 -1.68 -12.51 34.58
C ILE G 75 -1.80 -13.70 33.60
N PRO G 76 -2.84 -14.53 33.73
CA PRO G 76 -2.91 -15.70 32.83
C PRO G 76 -3.24 -15.19 31.42
N VAL G 77 -2.67 -15.83 30.41
CA VAL G 77 -2.98 -15.58 29.02
C VAL G 77 -3.66 -16.83 28.41
N ASN G 78 -3.13 -18.01 28.70
CA ASN G 78 -3.68 -19.23 28.13
C ASN G 78 -3.67 -19.17 26.62
N THR G 79 -4.76 -19.50 25.92
CA THR G 79 -4.81 -19.42 24.45
C THR G 79 -4.81 -17.97 23.94
N GLY G 80 -5.11 -17.01 24.79
CA GLY G 80 -5.08 -15.61 24.38
C GLY G 80 -6.15 -14.77 25.05
N LEU G 81 -6.21 -13.52 24.64
CA LEU G 81 -7.13 -12.52 25.20
C LEU G 81 -7.68 -11.75 24.01
N PHE G 82 -8.99 -11.55 23.99
CA PHE G 82 -9.66 -10.91 22.88
C PHE G 82 -10.11 -9.53 23.30
N ARG G 83 -9.56 -8.53 22.65
CA ARG G 83 -9.92 -7.10 22.85
C ARG G 83 -9.98 -6.79 24.32
N TRP G 84 -8.83 -6.97 24.96
CA TRP G 84 -8.69 -7.02 26.42
C TRP G 84 -8.07 -5.76 26.93
N VAL G 85 -8.54 -5.32 28.09
CA VAL G 85 -8.02 -4.10 28.71
C VAL G 85 -7.53 -4.49 30.10
N ALA G 86 -6.36 -3.98 30.47
CA ALA G 86 -5.71 -4.33 31.73
C ALA G 86 -6.39 -3.72 32.94
N PRO G 87 -6.16 -4.33 34.11
CA PRO G 87 -6.63 -3.84 35.40
C PRO G 87 -6.10 -2.49 35.74
N ASN G 88 -6.87 -1.80 36.57
CA ASN G 88 -6.58 -0.42 36.83
C ASN G 88 -5.13 -0.28 37.24
N ASN G 89 -4.42 0.61 36.57
CA ASN G 89 -3.10 0.98 36.97
C ASN G 89 -2.01 0.02 36.52
N VAL G 90 -2.31 -0.92 35.61
CA VAL G 90 -1.27 -1.77 35.07
C VAL G 90 -0.79 -1.17 33.74
N GLN G 91 0.53 -1.13 33.54
CA GLN G 91 1.15 -0.61 32.32
C GLN G 91 2.60 -0.94 32.22
N GLY G 92 3.16 -0.84 31.01
CA GLY G 92 4.55 -1.17 30.73
C GLY G 92 4.79 -2.34 29.79
N ALA G 93 6.06 -2.75 29.68
CA ALA G 93 6.43 -3.71 28.67
C ALA G 93 5.76 -5.06 28.99
N ILE G 94 5.31 -5.75 27.95
CA ILE G 94 4.68 -7.06 28.15
C ILE G 94 5.76 -8.13 28.03
N THR G 95 5.90 -8.92 29.10
CA THR G 95 6.74 -10.11 29.12
C THR G 95 5.82 -11.33 29.21
N LEU G 96 6.06 -12.26 28.29
CA LEU G 96 5.37 -13.55 28.17
C LEU G 96 6.23 -14.62 28.84
N ILE G 97 5.57 -15.47 29.62
CA ILE G 97 6.27 -16.46 30.43
C ILE G 97 5.50 -17.77 30.43
N TYR G 98 6.26 -18.86 30.33
CA TYR G 98 5.75 -20.19 30.55
C TYR G 98 5.56 -20.42 32.04
N ASN G 99 4.42 -20.99 32.42
CA ASN G 99 4.12 -21.16 33.84
C ASN G 99 4.73 -22.43 34.36
N ASP G 100 5.69 -22.28 35.28
CA ASP G 100 6.32 -23.44 35.93
C ASP G 100 6.80 -22.97 37.32
N VAL G 101 7.30 -23.90 38.12
CA VAL G 101 7.84 -23.62 39.44
C VAL G 101 9.23 -22.99 39.32
N PRO G 102 9.47 -21.89 40.03
CA PRO G 102 10.81 -21.29 39.93
C PRO G 102 11.92 -22.28 40.26
N GLY G 103 12.96 -22.27 39.45
CA GLY G 103 14.08 -23.16 39.60
C GLY G 103 13.99 -24.45 38.81
N THR G 104 12.81 -24.73 38.23
CA THR G 104 12.57 -26.02 37.63
C THR G 104 12.33 -25.90 36.14
N TYR G 105 12.71 -24.78 35.55
CA TYR G 105 12.50 -24.60 34.10
C TYR G 105 13.55 -25.33 33.28
N GLY G 106 14.63 -25.78 33.94
CA GLY G 106 15.74 -26.43 33.23
C GLY G 106 15.46 -27.60 32.30
N ASN G 107 14.52 -28.46 32.68
CA ASN G 107 14.14 -29.61 31.88
C ASN G 107 12.92 -29.41 30.97
N ASN G 108 12.55 -28.15 30.71
CA ASN G 108 11.37 -27.85 29.89
C ASN G 108 11.75 -27.93 28.43
N SER G 109 10.74 -28.07 27.57
CA SER G 109 11.00 -28.17 26.16
C SER G 109 9.85 -27.57 25.38
N GLY G 110 10.12 -27.31 24.10
CA GLY G 110 9.18 -26.68 23.18
C GLY G 110 8.93 -25.21 23.47
N SER G 111 7.90 -24.70 22.84
CA SER G 111 7.66 -23.22 22.79
C SER G 111 6.26 -22.91 22.34
N PHE G 112 5.83 -21.67 22.62
CA PHE G 112 4.57 -21.17 22.11
C PHE G 112 4.84 -19.98 21.20
N SER G 113 4.17 -20.01 20.06
N SER G 113 4.18 -20.02 20.05
CA SER G 113 4.17 -18.96 19.10
CA SER G 113 4.20 -18.94 19.09
C SER G 113 3.06 -17.99 19.50
C SER G 113 3.07 -17.99 19.49
N VAL G 114 3.39 -16.71 19.68
CA VAL G 114 2.42 -15.75 20.21
C VAL G 114 2.36 -14.53 19.33
N ASN G 115 1.16 -14.03 19.09
CA ASN G 115 0.98 -12.76 18.42
C ASN G 115 0.28 -11.82 19.37
N ILE G 116 0.71 -10.55 19.41
CA ILE G 116 0.05 -9.49 20.17
C ILE G 116 -0.16 -8.26 19.29
N GLY G 117 -1.36 -7.70 19.31
CA GLY G 117 -1.64 -6.48 18.63
C GLY G 117 -2.43 -5.57 19.51
N LYS G 118 -2.40 -4.29 19.18
CA LYS G 118 -3.30 -3.34 19.77
C LYS G 118 -4.52 -3.16 18.87
N ASP G 119 -5.68 -3.04 19.47
CA ASP G 119 -6.94 -2.89 18.77
C ASP G 119 -7.37 -1.43 18.82
N GLN G 120 -8.43 -1.11 18.09
CA GLN G 120 -8.96 0.23 18.05
C GLN G 120 -9.39 0.68 19.41
N SER G 121 -9.24 1.98 19.65
CA SER G 121 -9.88 2.57 20.77
C SER G 121 -10.24 4.04 20.49
N ALA H 1 -18.77 -8.07 16.31
CA ALA H 1 -18.06 -9.31 16.78
C ALA H 1 -19.06 -10.35 17.28
N TRP H 2 -18.57 -11.56 17.52
CA TRP H 2 -19.43 -12.66 18.00
C TRP H 2 -18.72 -13.44 19.09
N LYS H 3 -19.46 -13.78 20.14
CA LYS H 3 -18.93 -14.65 21.18
C LYS H 3 -19.93 -15.77 21.42
N GLY H 4 -19.42 -16.98 21.61
CA GLY H 4 -20.34 -18.11 21.76
C GLY H 4 -19.62 -19.39 22.12
N GLU H 5 -20.37 -20.47 22.17
CA GLU H 5 -19.79 -21.75 22.57
C GLU H 5 -19.96 -22.72 21.48
N VAL H 6 -19.03 -23.66 21.37
CA VAL H 6 -19.14 -24.75 20.43
C VAL H 6 -19.15 -26.03 21.28
N LEU H 7 -20.22 -26.80 21.18
CA LEU H 7 -20.33 -28.05 21.94
C LEU H 7 -19.58 -29.17 21.23
N ALA H 8 -18.84 -29.96 21.98
CA ALA H 8 -18.13 -31.08 21.41
C ALA H 8 -19.05 -32.17 20.83
N ASN H 9 -20.27 -32.27 21.31
CA ASN H 9 -21.14 -33.33 20.89
C ASN H 9 -22.02 -32.97 19.65
N ASN H 10 -21.84 -31.78 19.11
CA ASN H 10 -22.72 -31.31 18.03
C ASN H 10 -22.05 -31.48 16.68
N GLU H 11 -22.46 -32.51 15.94
CA GLU H 11 -21.97 -32.71 14.58
C GLU H 11 -22.27 -31.56 13.62
N ALA H 12 -23.33 -30.84 13.87
CA ALA H 12 -23.68 -29.69 12.98
C ALA H 12 -22.81 -28.48 13.25
N GLY H 13 -22.23 -28.37 14.43
CA GLY H 13 -21.41 -27.21 14.77
C GLY H 13 -22.30 -26.04 15.17
N GLN H 14 -21.66 -24.89 15.29
CA GLN H 14 -22.34 -23.73 15.74
C GLN H 14 -22.25 -22.64 14.69
N VAL H 15 -23.38 -22.21 14.12
CA VAL H 15 -23.32 -21.11 13.18
C VAL H 15 -23.12 -19.79 13.94
N THR H 16 -22.37 -18.86 13.38
CA THR H 16 -22.08 -17.59 14.06
C THR H 16 -22.74 -16.49 13.27
N SER H 17 -22.70 -15.26 13.79
CA SER H 17 -23.24 -14.12 13.04
C SER H 17 -22.18 -13.45 12.17
N ILE H 18 -21.01 -14.09 12.03
CA ILE H 18 -19.93 -13.51 11.26
C ILE H 18 -20.03 -14.01 9.82
N ILE H 19 -20.12 -13.09 8.88
CA ILE H 19 -20.09 -13.43 7.46
C ILE H 19 -18.72 -13.02 6.96
N TYR H 20 -17.94 -14.01 6.52
CA TYR H 20 -16.64 -13.70 5.97
C TYR H 20 -16.75 -13.30 4.49
N ASN H 21 -16.22 -12.11 4.12
CA ASN H 21 -16.21 -11.65 2.75
C ASN H 21 -14.81 -11.52 2.24
N PRO H 22 -14.59 -11.64 0.92
CA PRO H 22 -13.27 -11.46 0.39
C PRO H 22 -12.59 -10.19 0.87
N GLY H 23 -11.32 -10.37 1.17
CA GLY H 23 -10.49 -9.30 1.69
C GLY H 23 -10.56 -9.15 3.17
N ASP H 24 -11.57 -9.75 3.80
CA ASP H 24 -11.73 -9.56 5.26
C ASP H 24 -10.53 -10.08 6.00
N VAL H 25 -10.26 -9.39 7.10
CA VAL H 25 -9.27 -9.78 8.07
C VAL H 25 -9.97 -10.08 9.33
N ILE H 26 -9.78 -11.29 9.88
CA ILE H 26 -10.50 -11.66 11.09
C ILE H 26 -9.57 -12.16 12.19
N THR H 27 -10.00 -12.01 13.41
CA THR H 27 -9.33 -12.62 14.57
C THR H 27 -10.29 -13.53 15.33
N ILE H 28 -9.77 -14.71 15.69
CA ILE H 28 -10.50 -15.69 16.47
C ILE H 28 -9.64 -16.06 17.68
N VAL H 29 -10.21 -16.06 18.86
CA VAL H 29 -9.56 -16.66 20.04
C VAL H 29 -10.50 -17.72 20.63
N ALA H 30 -10.01 -18.96 20.80
CA ALA H 30 -10.79 -20.07 21.33
C ALA H 30 -10.14 -20.60 22.63
N ALA H 31 -10.98 -20.99 23.59
CA ALA H 31 -10.55 -21.50 24.89
C ALA H 31 -11.46 -22.62 25.43
N GLY H 32 -10.96 -23.42 26.35
CA GLY H 32 -11.85 -24.36 27.00
C GLY H 32 -11.31 -25.76 26.91
N TRP H 33 -12.14 -26.68 27.37
CA TRP H 33 -11.74 -28.08 27.53
C TRP H 33 -12.83 -28.98 27.02
N ALA H 34 -12.44 -29.98 26.26
CA ALA H 34 -13.42 -30.95 25.76
C ALA H 34 -12.77 -32.31 25.54
N SER H 35 -13.61 -33.28 25.27
CA SER H 35 -13.15 -34.62 24.96
C SER H 35 -13.99 -35.25 23.83
N TYR H 36 -13.31 -36.07 23.07
CA TYR H 36 -13.87 -36.88 22.01
C TYR H 36 -14.20 -38.32 22.52
N GLY H 37 -14.04 -38.60 23.80
CA GLY H 37 -14.43 -39.92 24.33
C GLY H 37 -13.64 -40.26 25.61
N PRO H 38 -12.31 -40.09 25.59
CA PRO H 38 -11.55 -40.43 26.78
C PRO H 38 -11.91 -39.56 27.99
N THR H 39 -11.56 -40.03 29.18
CA THR H 39 -11.83 -39.28 30.42
C THR H 39 -11.00 -37.98 30.56
N GLN H 40 -9.88 -37.91 29.87
CA GLN H 40 -9.06 -36.69 29.76
C GLN H 40 -9.77 -35.65 28.89
N LYS H 41 -9.34 -34.39 29.03
CA LYS H 41 -9.84 -33.31 28.19
C LYS H 41 -8.71 -32.59 27.54
N TRP H 42 -9.01 -31.97 26.39
CA TRP H 42 -8.00 -31.25 25.59
C TRP H 42 -8.53 -29.90 25.21
N GLY H 43 -7.61 -28.98 24.97
CA GLY H 43 -7.97 -27.63 24.52
C GLY H 43 -8.21 -27.66 23.04
N PRO H 44 -8.38 -26.49 22.45
CA PRO H 44 -8.81 -26.38 21.07
C PRO H 44 -7.80 -26.82 20.02
N GLN H 45 -6.58 -27.15 20.43
CA GLN H 45 -5.61 -27.78 19.56
C GLN H 45 -5.87 -29.30 19.43
N GLY H 46 -6.71 -29.84 20.30
CA GLY H 46 -7.01 -31.27 20.36
C GLY H 46 -5.85 -32.10 20.88
N ASP H 47 -5.86 -33.38 20.47
CA ASP H 47 -4.99 -34.40 21.05
C ASP H 47 -3.95 -34.77 19.97
N ARG H 48 -2.73 -34.35 20.18
CA ARG H 48 -1.68 -34.50 19.16
C ARG H 48 -1.20 -35.94 19.01
N GLU H 49 -1.62 -36.80 19.92
CA GLU H 49 -1.20 -38.21 19.90
C GLU H 49 -2.23 -39.15 19.26
N HIS H 50 -3.40 -38.65 18.90
CA HIS H 50 -4.45 -39.52 18.39
C HIS H 50 -4.44 -39.63 16.88
N PRO H 51 -4.52 -40.84 16.32
CA PRO H 51 -4.52 -40.97 14.85
C PRO H 51 -5.78 -40.41 14.21
N ASP H 52 -5.70 -40.05 12.93
CA ASP H 52 -6.84 -39.55 12.15
C ASP H 52 -7.57 -40.79 11.55
N GLN H 53 -8.78 -41.01 12.02
CA GLN H 53 -9.62 -42.17 11.66
C GLN H 53 -10.83 -41.80 10.81
N GLY H 54 -10.71 -40.68 10.09
CA GLY H 54 -11.74 -40.19 9.20
C GLY H 54 -12.35 -38.90 9.79
N LEU H 55 -11.48 -38.03 10.26
CA LEU H 55 -11.89 -36.74 10.89
C LEU H 55 -12.53 -35.81 9.87
N ILE H 56 -13.44 -34.96 10.33
CA ILE H 56 -14.02 -33.94 9.44
C ILE H 56 -12.95 -32.95 8.91
N CYS H 57 -11.84 -32.79 9.65
CA CYS H 57 -10.70 -32.00 9.19
C CYS H 57 -9.39 -32.79 9.31
N HIS H 58 -8.84 -33.12 8.17
CA HIS H 58 -7.61 -33.88 8.12
C HIS H 58 -6.42 -33.04 8.50
N ASP H 59 -6.55 -31.72 8.54
CA ASP H 59 -5.42 -30.84 8.85
C ASP H 59 -5.41 -30.33 10.30
N ALA H 60 -6.22 -30.92 11.17
CA ALA H 60 -6.17 -30.65 12.59
C ALA H 60 -6.32 -31.95 13.33
N PHE H 61 -5.86 -31.96 14.58
CA PHE H 61 -5.95 -33.14 15.43
C PHE H 61 -7.38 -33.39 15.84
N CYS H 62 -7.63 -34.65 16.19
CA CYS H 62 -8.93 -34.99 16.79
C CYS H 62 -9.15 -34.16 18.07
N GLY H 63 -10.32 -33.54 18.21
CA GLY H 63 -10.61 -32.76 19.38
C GLY H 63 -10.27 -31.28 19.18
N ALA H 64 -9.77 -30.92 17.99
CA ALA H 64 -9.44 -29.52 17.66
C ALA H 64 -10.68 -28.75 17.21
N LEU H 65 -10.60 -27.42 17.33
CA LEU H 65 -11.64 -26.55 16.77
C LEU H 65 -11.32 -26.27 15.31
N VAL H 66 -12.32 -26.47 14.46
CA VAL H 66 -12.25 -26.13 13.04
C VAL H 66 -13.47 -25.31 12.61
N MET H 67 -13.48 -24.88 11.37
CA MET H 67 -14.58 -24.04 10.89
C MET H 67 -14.83 -24.28 9.42
N LYS H 68 -16.02 -23.89 8.97
CA LYS H 68 -16.34 -23.73 7.57
C LYS H 68 -16.72 -22.28 7.33
N ILE H 69 -16.37 -21.79 6.16
CA ILE H 69 -16.80 -20.46 5.71
C ILE H 69 -17.73 -20.70 4.53
N GLY H 70 -19.01 -20.46 4.74
CA GLY H 70 -20.02 -20.80 3.72
C GLY H 70 -19.95 -22.28 3.48
N ASN H 71 -19.89 -22.70 2.23
CA ASN H 71 -19.86 -24.12 1.91
C ASN H 71 -18.48 -24.62 1.68
N SER H 72 -17.48 -23.98 2.30
CA SER H 72 -16.11 -24.42 2.16
C SER H 72 -15.90 -25.78 2.81
N GLY H 73 -14.74 -26.34 2.53
CA GLY H 73 -14.25 -27.44 3.30
C GLY H 73 -13.84 -26.96 4.70
N THR H 74 -13.49 -27.90 5.58
CA THR H 74 -13.07 -27.52 6.93
C THR H 74 -11.69 -26.84 6.88
N ILE H 75 -11.54 -25.83 7.76
CA ILE H 75 -10.35 -25.03 7.95
C ILE H 75 -9.94 -25.09 9.43
N PRO H 76 -8.68 -25.38 9.71
CA PRO H 76 -8.23 -25.41 11.13
C PRO H 76 -8.31 -24.04 11.81
N VAL H 77 -8.79 -24.00 13.07
CA VAL H 77 -8.82 -22.82 13.87
C VAL H 77 -7.86 -23.02 15.04
N ASN H 78 -7.93 -24.17 15.70
CA ASN H 78 -7.13 -24.42 16.88
C ASN H 78 -7.37 -23.37 17.97
N THR H 79 -6.32 -22.78 18.54
CA THR H 79 -6.49 -21.78 19.61
C THR H 79 -6.99 -20.45 19.00
N GLY H 80 -6.90 -20.32 17.67
CA GLY H 80 -7.39 -19.13 17.00
C GLY H 80 -6.54 -18.66 15.84
N LEU H 81 -6.93 -17.51 15.29
CA LEU H 81 -6.35 -16.99 14.06
C LEU H 81 -6.12 -15.50 14.39
N PHE H 82 -4.94 -15.01 14.08
CA PHE H 82 -4.58 -13.61 14.40
C PHE H 82 -4.51 -12.81 13.08
N ARG H 83 -5.41 -11.84 12.92
CA ARG H 83 -5.39 -11.00 11.72
C ARG H 83 -5.22 -11.80 10.43
N TRP H 84 -6.13 -12.75 10.27
CA TRP H 84 -6.06 -13.74 9.21
C TRP H 84 -6.92 -13.34 8.02
N VAL H 85 -6.39 -13.62 6.84
CA VAL H 85 -7.09 -13.49 5.57
C VAL H 85 -7.11 -14.89 4.92
N ALA H 86 -8.28 -15.27 4.45
CA ALA H 86 -8.51 -16.60 3.87
C ALA H 86 -7.50 -16.75 2.70
N PRO H 87 -6.69 -17.83 2.69
CA PRO H 87 -5.82 -18.11 1.54
C PRO H 87 -6.61 -18.57 0.31
N ASN H 88 -7.79 -19.13 0.52
CA ASN H 88 -8.63 -19.62 -0.59
C ASN H 88 -9.81 -18.67 -0.77
N ASN H 89 -10.49 -18.77 -1.91
CA ASN H 89 -11.59 -17.84 -2.20
C ASN H 89 -12.89 -18.30 -1.52
N VAL H 90 -13.04 -17.98 -0.26
CA VAL H 90 -14.20 -18.42 0.45
C VAL H 90 -15.02 -17.25 0.88
N GLN H 91 -16.30 -17.50 1.11
CA GLN H 91 -17.20 -16.46 1.51
C GLN H 91 -18.39 -17.09 2.16
N GLY H 92 -18.94 -16.42 3.15
CA GLY H 92 -20.17 -16.81 3.81
C GLY H 92 -20.04 -16.90 5.29
N ALA H 93 -21.11 -17.36 5.92
CA ALA H 93 -21.19 -17.42 7.36
C ALA H 93 -20.10 -18.35 7.89
N ILE H 94 -19.56 -17.99 9.03
CA ILE H 94 -18.62 -18.88 9.72
C ILE H 94 -19.37 -19.84 10.60
N THR H 95 -19.10 -21.14 10.43
CA THR H 95 -19.63 -22.18 11.32
C THR H 95 -18.45 -22.82 12.01
N LEU H 96 -18.52 -22.91 13.33
CA LEU H 96 -17.47 -23.52 14.19
C LEU H 96 -17.83 -24.97 14.51
N ILE H 97 -16.87 -25.87 14.39
CA ILE H 97 -17.17 -27.31 14.61
C ILE H 97 -16.07 -28.00 15.40
N TYR H 98 -16.43 -28.88 16.33
CA TYR H 98 -15.45 -29.77 16.96
C TYR H 98 -15.05 -30.90 16.02
N ASN H 99 -13.76 -31.13 15.91
CA ASN H 99 -13.18 -32.05 14.96
C ASN H 99 -13.22 -33.49 15.51
N ASP H 100 -14.14 -34.27 15.00
CA ASP H 100 -14.24 -35.72 15.36
C ASP H 100 -14.68 -36.46 14.13
N VAL H 101 -14.78 -37.79 14.24
CA VAL H 101 -15.27 -38.62 13.13
C VAL H 101 -16.80 -38.58 13.09
N PRO H 102 -17.41 -38.32 11.92
CA PRO H 102 -18.86 -38.29 11.81
C PRO H 102 -19.42 -39.61 12.35
N GLY H 103 -20.51 -39.53 13.09
CA GLY H 103 -21.17 -40.67 13.65
C GLY H 103 -20.60 -41.03 15.00
N THR H 104 -19.51 -40.35 15.44
CA THR H 104 -18.89 -40.73 16.72
C THR H 104 -18.91 -39.59 17.72
N TYR H 105 -19.81 -38.64 17.51
CA TYR H 105 -19.95 -37.52 18.43
C TYR H 105 -20.67 -37.81 19.74
N GLY H 106 -21.34 -38.96 19.85
CA GLY H 106 -22.24 -39.16 21.00
C GLY H 106 -21.56 -39.35 22.35
N ASN H 107 -20.27 -39.70 22.36
CA ASN H 107 -19.55 -39.82 23.62
C ASN H 107 -18.64 -38.61 23.90
N ASN H 108 -18.86 -37.50 23.18
CA ASN H 108 -18.05 -36.30 23.37
C ASN H 108 -18.62 -35.44 24.50
N SER H 109 -17.78 -34.62 25.10
CA SER H 109 -18.24 -33.76 26.16
C SER H 109 -17.39 -32.48 26.18
N GLY H 110 -17.91 -31.52 26.92
CA GLY H 110 -17.28 -30.20 27.03
C GLY H 110 -17.63 -29.31 25.84
N SER H 111 -16.92 -28.20 25.77
CA SER H 111 -17.17 -27.15 24.78
C SER H 111 -16.02 -26.18 24.78
N PHE H 112 -15.90 -25.44 23.69
CA PHE H 112 -15.01 -24.31 23.62
C PHE H 112 -15.78 -22.99 23.60
N SER H 113 -15.23 -22.00 24.27
CA SER H 113 -15.70 -20.60 24.22
CA SER H 113 -15.76 -20.63 24.14
C SER H 113 -14.91 -19.91 23.10
N VAL H 114 -15.58 -19.20 22.21
CA VAL H 114 -14.92 -18.62 21.05
C VAL H 114 -15.34 -17.18 20.83
N ASN H 115 -14.37 -16.31 20.59
CA ASN H 115 -14.62 -14.92 20.19
C ASN H 115 -14.17 -14.71 18.76
N ILE H 116 -14.94 -13.99 17.96
CA ILE H 116 -14.55 -13.71 16.57
C ILE H 116 -14.82 -12.22 16.28
N GLY H 117 -13.83 -11.55 15.73
CA GLY H 117 -13.94 -10.16 15.31
C GLY H 117 -13.37 -9.92 13.95
N LYS H 118 -13.91 -8.90 13.26
CA LYS H 118 -13.26 -8.42 12.07
C LYS H 118 -12.27 -7.32 12.46
N ASP H 119 -11.12 -7.37 11.82
CA ASP H 119 -10.05 -6.42 12.02
C ASP H 119 -10.03 -5.42 10.88
N GLN H 120 -9.15 -4.39 11.02
CA GLN H 120 -9.03 -3.37 9.99
CA GLN H 120 -9.13 -3.40 9.97
C GLN H 120 -8.44 -4.01 8.76
N SER H 121 -8.81 -3.53 7.60
CA SER H 121 -8.24 -3.98 6.32
C SER H 121 -8.38 -2.89 5.27
#